data_3KCG
#
_entry.id   3KCG
#
_cell.length_a   78.780
_cell.length_b   88.440
_cell.length_c   147.230
_cell.angle_alpha   90.00
_cell.angle_beta   90.00
_cell.angle_gamma   90.00
#
_symmetry.space_group_name_H-M   'P 21 21 21'
#
loop_
_entity.id
_entity.type
_entity.pdbx_description
1 polymer 'Coagulation factor IXa light chain'
2 polymer 'Coagulation factor IXa heavy chain'
3 polymer Antithrombin-III
4 branched alpha-L-fucopyranose-(1-6)-2-acetamido-2-deoxy-beta-D-glucopyranose
5 branched alpha-D-mannopyranose-(1-4)-2-acetamido-2-deoxy-beta-D-glucopyranose-(1-4)-2-acetamido-2-deoxy-beta-D-glucopyranose
6 branched '3,4-di-O-methyl-2,6-di-O-sulfo-alpha-D-glucopyranose-(1-4)-2,3-di-O-methyl-beta-D-glucopyranuronic acid-(1-4)-2,3,6-tri-O-sulfo-alpha-D-glucopyranose-(1-4)-3-O-methyl-2-O-sulfo-alpha-L-idopyranuronic acid-(1-4)-methyl 2,3,6-tri-O-sulfo-alpha-D-glucopyranoside'
7 non-polymer 'CALCIUM ION'
8 non-polymer (4S)-2-METHYL-2,4-PENTANEDIOL
9 water water
#
loop_
_entity_poly.entity_id
_entity_poly.type
_entity_poly.pdbx_seq_one_letter_code
_entity_poly.pdbx_strand_id
1 'polypeptide(L)' MDVTCNIKNGRCEQFCKNSADNKVVCSCTEGYRLAENQKSCEPAVPFPCGRVSVSQTSK L
2 'polypeptide(L)'
;VVGGEDAKPGQFPWQVVLNGKVDAFCGGSIVNEKWIVTAAHCVETGVKITVVAGEHNIEETEHTEQKRNVIRIIPHHNYN
AAINKYNHDIALLELDEPLVLNSYVTPICIADKEYTNIFLKFGSGYVSGWGRVFHKGRSALVLQYLRVPLVDRATCLRST
KFTIYNNMFCAGFHEGGRDSCQGDAGGPHVTEVEGTSFLTGIISWGEECAMKGKYGIYTKVSRYVNWIKEKTKLT
;
H
3 'polypeptide(L)'
;HGSPVDICTAKPRDIPMNPMCIYRSPEKKATEDEGSEQKIPEATNRRVWELSKANSRFATTFYQHLADSKNDNDNIFLSP
LSISTAFAMTKLGACNDTLQQLMEVFKFDTISEKTSDQIHFFFAKLNCRLYRKANKASKLVSANRLFGDKSLTFNETYQD
ISELVYGAKLQPLDFKENAEQSRAAINKWVSNKTEGRITDVIPSEAINELTVLVLVNTIYFKGLWKSKFSPENTRKELFY
KADGESCSASMMYQEGKFRYRRVAEGTQVLELPFKGDDITMVLILPKPEKSLAKVEKELTPEVLQEWLDELEEMMLVVHM
PRFRIEDGFSLKEQLQDMGLVDLFSPEKSKLPGIVAEGRDDLYVSDAFHKAFLEVNEEGSEAAASTAVVIAGRSLNPNRV
TFKANRPFLVFIREVPLNTIIFMGRVANPCVK
;
I
#
loop_
_chem_comp.id
_chem_comp.type
_chem_comp.name
_chem_comp.formula
CA non-polymer 'CALCIUM ION' 'Ca 2'
FUC L-saccharide, alpha linking alpha-L-fucopyranose 'C6 H12 O5'
GU1 D-saccharide, beta linking '2,3-di-O-methyl-beta-D-glucopyranuronic acid' 'C8 H14 O7'
GU6 D-saccharide, alpha linking 2,3,6-tri-O-sulfo-alpha-D-glucopyranose 'C6 H12 O15 S3'
MAN D-saccharide, alpha linking alpha-D-mannopyranose 'C6 H12 O6'
MPD non-polymer (4S)-2-METHYL-2,4-PENTANEDIOL 'C6 H14 O2'
NAG D-saccharide, beta linking 2-acetamido-2-deoxy-beta-D-glucopyranose 'C8 H15 N O6'
Z9H D-saccharide, alpha linking 3,4-di-O-methyl-2,6-di-O-sulfo-alpha-D-glucopyranose 'C8 H16 O12 S2'
Z9K L-saccharide, alpha linking '3-O-methyl-2-O-sulfo-alpha-L-idopyranuronic acid' 'C7 H12 O10 S'
Z9L D-saccharide 'methyl 2,3,6-tri-O-sulfo-alpha-D-glucopyranoside' 'C7 H14 O15 S3'
#
# COMPACT_ATOMS: atom_id res chain seq x y z
N MET A 1 32.01 -57.87 13.44
CA MET A 1 31.22 -57.48 12.23
C MET A 1 32.04 -57.66 10.96
N ASP A 2 31.61 -57.00 9.89
CA ASP A 2 32.31 -57.08 8.60
C ASP A 2 31.49 -56.41 7.50
N VAL A 3 30.31 -56.96 7.24
CA VAL A 3 29.43 -56.39 6.21
C VAL A 3 27.97 -56.43 6.65
N THR A 4 27.49 -55.27 7.11
CA THR A 4 26.11 -55.12 7.55
C THR A 4 25.65 -53.76 7.07
N CYS A 5 24.34 -53.57 6.98
CA CYS A 5 23.80 -52.30 6.53
C CYS A 5 24.18 -51.20 7.52
N ASN A 6 24.64 -51.62 8.69
CA ASN A 6 25.00 -50.69 9.73
C ASN A 6 26.37 -50.07 9.58
N ILE A 7 27.15 -50.52 8.61
CA ILE A 7 28.46 -49.91 8.43
C ILE A 7 28.54 -49.39 7.01
N LYS A 8 28.59 -48.07 6.88
CA LYS A 8 28.67 -47.42 5.58
C LYS A 8 27.52 -47.85 4.67
N ASN A 9 26.39 -48.16 5.30
CA ASN A 9 25.19 -48.57 4.58
C ASN A 9 25.45 -49.76 3.65
N GLY A 10 26.29 -50.69 4.10
CA GLY A 10 26.60 -51.85 3.30
C GLY A 10 27.23 -51.45 1.98
N ARG A 11 27.72 -50.21 1.93
CA ARG A 11 28.35 -49.66 0.75
C ARG A 11 27.30 -49.39 -0.34
N CYS A 12 26.04 -49.55 0.02
CA CYS A 12 24.94 -49.32 -0.92
C CYS A 12 24.74 -47.82 -1.15
N GLU A 13 24.68 -47.40 -2.42
CA GLU A 13 24.50 -45.99 -2.72
C GLU A 13 23.18 -45.47 -2.15
N GLN A 14 22.14 -46.29 -2.26
CA GLN A 14 20.82 -45.91 -1.76
C GLN A 14 20.30 -46.79 -0.62
N PHE A 15 19.62 -47.89 -0.95
CA PHE A 15 19.05 -48.75 0.10
C PHE A 15 19.78 -50.05 0.34
N CYS A 16 19.80 -50.48 1.61
CA CYS A 16 20.46 -51.70 2.04
C CYS A 16 19.57 -52.58 2.91
N LYS A 17 19.75 -53.89 2.78
CA LYS A 17 19.00 -54.86 3.58
C LYS A 17 19.93 -56.01 3.92
N ASN A 18 19.98 -56.37 5.21
CA ASN A 18 20.86 -57.44 5.65
C ASN A 18 20.43 -58.84 5.23
N SER A 19 21.33 -59.52 4.51
CA SER A 19 21.09 -60.89 4.08
C SER A 19 21.75 -61.73 5.18
N ALA A 20 21.75 -63.05 5.05
CA ALA A 20 22.36 -63.88 6.08
C ALA A 20 23.83 -64.20 5.78
N ASP A 21 24.62 -64.30 6.85
CA ASP A 21 26.03 -64.63 6.77
C ASP A 21 26.95 -63.58 6.14
N ASN A 22 27.03 -62.41 6.77
CA ASN A 22 27.90 -61.33 6.31
C ASN A 22 27.70 -60.87 4.86
N LYS A 23 26.46 -60.58 4.50
CA LYS A 23 26.17 -60.11 3.15
C LYS A 23 25.00 -59.16 3.19
N VAL A 24 24.94 -58.25 2.22
CA VAL A 24 23.84 -57.29 2.16
C VAL A 24 23.29 -57.24 0.74
N VAL A 25 22.04 -56.81 0.64
CA VAL A 25 21.39 -56.69 -0.64
C VAL A 25 21.04 -55.23 -0.85
N CYS A 26 21.71 -54.61 -1.82
CA CYS A 26 21.47 -53.20 -2.13
C CYS A 26 20.27 -53.08 -3.05
N SER A 27 19.67 -51.89 -3.08
CA SER A 27 18.52 -51.64 -3.94
C SER A 27 18.41 -50.15 -4.18
N CYS A 28 17.63 -49.76 -5.19
CA CYS A 28 17.46 -48.36 -5.51
C CYS A 28 15.98 -47.97 -5.56
N THR A 29 15.72 -46.68 -5.68
CA THR A 29 14.35 -46.20 -5.74
C THR A 29 13.87 -46.27 -7.18
N GLU A 30 12.56 -46.09 -7.38
CA GLU A 30 11.97 -46.13 -8.72
C GLU A 30 12.72 -45.25 -9.72
N GLY A 31 12.89 -45.78 -10.94
CA GLY A 31 13.57 -45.03 -11.97
C GLY A 31 15.06 -45.34 -12.02
N TYR A 32 15.54 -46.12 -11.06
CA TYR A 32 16.94 -46.49 -10.99
C TYR A 32 17.13 -48.00 -11.05
N ARG A 33 18.34 -48.43 -11.39
CA ARG A 33 18.68 -49.85 -11.48
C ARG A 33 20.04 -50.05 -10.82
N LEU A 34 20.16 -51.14 -10.07
CA LEU A 34 21.43 -51.44 -9.40
C LEU A 34 22.54 -51.60 -10.43
N ALA A 35 23.56 -50.76 -10.34
CA ALA A 35 24.68 -50.79 -11.28
C ALA A 35 25.43 -52.12 -11.25
N GLU A 36 26.42 -52.25 -12.15
CA GLU A 36 27.21 -53.46 -12.24
C GLU A 36 27.87 -53.84 -10.92
N ASN A 37 28.32 -52.84 -10.18
CA ASN A 37 28.99 -53.07 -8.90
C ASN A 37 28.08 -53.60 -7.79
N GLN A 38 26.80 -53.80 -8.09
CA GLN A 38 25.87 -54.31 -7.09
C GLN A 38 25.77 -53.40 -5.86
N LYS A 39 26.29 -52.18 -5.99
CA LYS A 39 26.27 -51.22 -4.89
C LYS A 39 25.72 -49.86 -5.32
N SER A 40 26.07 -49.43 -6.53
CA SER A 40 25.64 -48.14 -7.05
C SER A 40 24.29 -48.16 -7.75
N CYS A 41 23.71 -46.97 -7.93
CA CYS A 41 22.43 -46.81 -8.60
C CYS A 41 22.59 -45.95 -9.84
N GLU A 42 22.05 -46.42 -10.96
CA GLU A 42 22.15 -45.68 -12.22
C GLU A 42 20.77 -45.48 -12.86
N PRO A 43 20.58 -44.35 -13.55
CA PRO A 43 19.31 -44.03 -14.22
C PRO A 43 18.82 -45.15 -15.11
N ALA A 44 17.54 -45.49 -14.98
CA ALA A 44 16.94 -46.55 -15.79
C ALA A 44 15.89 -45.93 -16.69
N VAL A 45 15.68 -44.62 -16.54
CA VAL A 45 14.70 -43.89 -17.33
C VAL A 45 15.31 -42.56 -17.76
N PRO A 46 14.69 -41.89 -18.76
CA PRO A 46 15.19 -40.61 -19.26
C PRO A 46 15.35 -39.52 -18.18
N PHE A 47 14.37 -39.43 -17.28
CA PHE A 47 14.44 -38.43 -16.23
C PHE A 47 14.08 -39.01 -14.86
N PRO A 48 15.03 -39.73 -14.23
CA PRO A 48 14.82 -40.35 -12.92
C PRO A 48 14.61 -39.30 -11.83
N CYS A 49 13.85 -39.65 -10.80
CA CYS A 49 13.57 -38.73 -9.71
C CYS A 49 14.81 -38.20 -9.01
N GLY A 50 14.64 -37.05 -8.36
CA GLY A 50 15.68 -36.44 -7.56
C GLY A 50 16.98 -36.01 -8.19
N ARG A 51 17.04 -35.93 -9.51
CA ARG A 51 18.29 -35.52 -10.14
C ARG A 51 18.19 -34.34 -11.08
N VAL A 52 19.21 -33.49 -11.01
CA VAL A 52 19.32 -32.30 -11.84
C VAL A 52 19.97 -32.76 -13.13
N SER A 53 19.43 -32.34 -14.26
CA SER A 53 19.98 -32.76 -15.55
C SER A 53 20.21 -31.60 -16.52
N VAL A 54 19.99 -30.37 -16.06
CA VAL A 54 20.18 -29.21 -16.93
C VAL A 54 21.67 -28.91 -17.10
N VAL B 1 11.18 -17.52 1.05
CA VAL B 1 12.46 -17.87 1.73
C VAL B 1 13.22 -16.59 2.05
N VAL B 2 13.56 -16.42 3.33
CA VAL B 2 14.29 -15.24 3.80
C VAL B 2 15.77 -15.61 3.89
N GLY B 3 16.63 -14.74 3.38
CA GLY B 3 18.06 -15.00 3.45
C GLY B 3 18.55 -16.18 2.64
N GLY B 4 17.81 -16.58 1.62
CA GLY B 4 18.26 -17.67 0.80
C GLY B 4 18.92 -17.08 -0.44
N GLU B 5 19.01 -17.86 -1.50
N GLU B 5 19.04 -17.86 -1.50
CA GLU B 5 19.62 -17.38 -2.73
CA GLU B 5 19.64 -17.36 -2.73
C GLU B 5 18.82 -17.81 -3.95
C GLU B 5 18.92 -17.87 -3.97
N ASP B 6 19.12 -17.17 -5.08
CA ASP B 6 18.47 -17.50 -6.35
C ASP B 6 18.84 -18.91 -6.82
N ALA B 7 17.84 -19.71 -7.16
CA ALA B 7 18.12 -21.03 -7.67
C ALA B 7 18.46 -20.79 -9.13
N LYS B 8 19.07 -21.76 -9.79
CA LYS B 8 19.37 -21.63 -11.21
C LYS B 8 18.27 -22.41 -11.91
N PRO B 9 18.00 -22.11 -13.18
CA PRO B 9 16.94 -22.86 -13.87
C PRO B 9 17.25 -24.36 -13.83
N GLY B 10 16.24 -25.17 -13.49
CA GLY B 10 16.43 -26.60 -13.43
C GLY B 10 17.12 -27.14 -12.20
N GLN B 11 17.44 -26.28 -11.24
CA GLN B 11 18.13 -26.74 -10.04
C GLN B 11 17.25 -27.56 -9.11
N PHE B 12 15.95 -27.25 -9.09
CA PHE B 12 14.99 -27.97 -8.26
C PHE B 12 13.82 -28.27 -9.17
N PRO B 13 14.02 -29.19 -10.13
CA PRO B 13 12.99 -29.57 -11.10
C PRO B 13 11.71 -30.19 -10.57
N TRP B 14 11.70 -30.58 -9.29
CA TRP B 14 10.51 -31.14 -8.66
C TRP B 14 9.64 -30.05 -8.03
N GLN B 15 10.18 -28.84 -7.90
CA GLN B 15 9.43 -27.75 -7.29
C GLN B 15 8.33 -27.20 -8.20
N VAL B 16 7.14 -27.01 -7.64
CA VAL B 16 6.04 -26.39 -8.41
C VAL B 16 5.48 -25.25 -7.58
N VAL B 17 4.74 -24.35 -8.22
CA VAL B 17 4.13 -23.25 -7.50
C VAL B 17 2.61 -23.42 -7.65
N LEU B 18 1.86 -23.03 -6.63
CA LEU B 18 0.41 -23.12 -6.67
C LEU B 18 -0.15 -21.71 -6.80
N ASN B 19 -1.05 -21.53 -7.76
CA ASN B 19 -1.70 -20.24 -7.99
C ASN B 19 -3.21 -20.39 -7.79
N GLY B 20 -3.81 -19.40 -7.14
CA GLY B 20 -5.24 -19.42 -6.89
C GLY B 20 -5.77 -18.00 -6.98
N LYS B 21 -6.57 -17.57 -6.01
CA LYS B 21 -7.09 -16.20 -6.02
C LYS B 21 -5.92 -15.24 -5.87
N VAL B 22 -4.81 -15.78 -5.36
CA VAL B 22 -3.58 -15.04 -5.18
C VAL B 22 -2.53 -15.95 -5.81
N ASP B 23 -1.58 -15.37 -6.53
CA ASP B 23 -0.54 -16.17 -7.16
C ASP B 23 0.53 -16.56 -6.15
N ALA B 24 1.15 -17.72 -6.40
CA ALA B 24 2.23 -18.24 -5.57
C ALA B 24 1.88 -18.22 -4.08
N PHE B 25 0.70 -18.73 -3.74
CA PHE B 25 0.30 -18.73 -2.33
C PHE B 25 0.91 -19.89 -1.55
N CYS B 26 1.40 -20.89 -2.28
CA CYS B 26 2.02 -22.08 -1.66
C CYS B 26 2.89 -22.77 -2.71
N GLY B 27 3.68 -23.73 -2.27
CA GLY B 27 4.51 -24.49 -3.19
C GLY B 27 4.09 -25.95 -3.14
N GLY B 28 4.78 -26.79 -3.88
CA GLY B 28 4.49 -28.22 -3.91
C GLY B 28 5.64 -28.95 -4.54
N SER B 29 5.57 -30.29 -4.56
CA SER B 29 6.61 -31.12 -5.17
C SER B 29 5.99 -32.17 -6.07
N ILE B 30 6.65 -32.44 -7.19
CA ILE B 30 6.15 -33.45 -8.12
C ILE B 30 6.43 -34.85 -7.60
N VAL B 31 5.38 -35.65 -7.44
CA VAL B 31 5.53 -37.05 -6.98
C VAL B 31 5.69 -37.88 -8.25
N ASN B 32 4.86 -37.59 -9.24
CA ASN B 32 4.94 -38.23 -10.55
C ASN B 32 4.19 -37.36 -11.56
N GLU B 33 4.05 -37.86 -12.78
CA GLU B 33 3.41 -37.07 -13.84
C GLU B 33 2.01 -36.55 -13.53
N LYS B 34 1.29 -37.23 -12.64
CA LYS B 34 -0.08 -36.85 -12.31
C LYS B 34 -0.33 -36.35 -10.90
N TRP B 35 0.70 -36.36 -10.05
CA TRP B 35 0.48 -35.98 -8.66
C TRP B 35 1.49 -35.03 -8.03
N ILE B 36 0.95 -34.13 -7.22
CA ILE B 36 1.72 -33.13 -6.49
C ILE B 36 1.50 -33.30 -4.99
N VAL B 37 2.56 -33.20 -4.19
CA VAL B 37 2.38 -33.27 -2.74
C VAL B 37 2.63 -31.84 -2.21
N THR B 38 1.77 -31.41 -1.28
CA THR B 38 1.83 -30.06 -0.72
C THR B 38 1.36 -30.11 0.74
N ALA B 39 1.07 -28.95 1.32
CA ALA B 39 0.60 -28.89 2.70
C ALA B 39 -0.93 -28.85 2.69
N ALA B 40 -1.55 -29.51 3.66
CA ALA B 40 -3.01 -29.52 3.73
C ALA B 40 -3.62 -28.15 4.00
N HIS B 41 -2.93 -27.30 4.77
CA HIS B 41 -3.50 -26.00 5.07
C HIS B 41 -3.49 -25.06 3.87
N CYS B 42 -2.85 -25.47 2.78
CA CYS B 42 -2.78 -24.69 1.55
C CYS B 42 -4.01 -24.90 0.69
N VAL B 43 -4.70 -26.02 0.90
CA VAL B 43 -5.83 -26.36 0.06
C VAL B 43 -7.17 -26.58 0.78
N GLU B 44 -8.23 -26.53 -0.01
CA GLU B 44 -9.59 -26.73 0.48
C GLU B 44 -10.34 -27.48 -0.61
N THR B 45 -11.01 -28.56 -0.27
CA THR B 45 -11.74 -29.31 -1.30
C THR B 45 -12.76 -28.35 -1.92
N GLY B 46 -12.91 -28.43 -3.24
CA GLY B 46 -13.84 -27.57 -3.93
C GLY B 46 -13.29 -26.22 -4.34
N VAL B 47 -12.05 -25.92 -3.93
CA VAL B 47 -11.44 -24.63 -4.28
C VAL B 47 -10.36 -24.89 -5.34
N LYS B 48 -10.53 -24.26 -6.50
CA LYS B 48 -9.61 -24.44 -7.61
C LYS B 48 -8.16 -24.04 -7.38
N ILE B 49 -7.28 -24.78 -8.03
CA ILE B 49 -5.84 -24.55 -7.94
C ILE B 49 -5.18 -24.84 -9.28
N THR B 50 -4.24 -23.98 -9.64
N THR B 50 -4.25 -23.99 -9.67
CA THR B 50 -3.49 -24.15 -10.86
CA THR B 50 -3.52 -24.22 -10.91
C THR B 50 -2.07 -24.47 -10.42
C THR B 50 -2.08 -24.46 -10.47
N VAL B 51 -1.46 -25.48 -11.03
CA VAL B 51 -0.09 -25.85 -10.69
C VAL B 51 0.82 -25.49 -11.85
N VAL B 52 1.98 -24.91 -11.57
CA VAL B 52 2.91 -24.62 -12.65
C VAL B 52 4.24 -25.28 -12.31
N ALA B 53 4.63 -26.24 -13.16
CA ALA B 53 5.89 -26.94 -13.00
C ALA B 53 6.86 -26.29 -13.99
N GLY B 54 8.15 -26.52 -13.82
CA GLY B 54 9.13 -25.91 -14.71
C GLY B 54 9.15 -24.40 -14.57
N GLU B 55 8.76 -23.91 -13.41
CA GLU B 55 8.73 -22.48 -13.14
C GLU B 55 10.04 -21.99 -12.55
N HIS B 56 10.42 -20.76 -12.88
CA HIS B 56 11.65 -20.15 -12.39
C HIS B 56 11.36 -18.74 -11.92
N ASN B 57 10.95 -17.87 -12.84
CA ASN B 57 10.60 -16.49 -12.51
C ASN B 57 9.08 -16.40 -12.73
N ILE B 58 8.33 -16.20 -11.66
CA ILE B 58 6.88 -16.16 -11.77
C ILE B 58 6.27 -14.96 -12.49
N GLU B 59 7.08 -14.04 -12.96
CA GLU B 59 6.56 -12.88 -13.69
C GLU B 59 7.14 -12.78 -15.10
N GLU B 60 7.82 -13.84 -15.54
CA GLU B 60 8.41 -13.90 -16.86
C GLU B 60 8.15 -15.27 -17.49
N THR B 61 8.26 -15.34 -18.82
CA THR B 61 8.04 -16.60 -19.54
C THR B 61 9.39 -17.23 -19.89
N GLU B 62 9.64 -18.43 -19.38
CA GLU B 62 10.90 -19.12 -19.65
C GLU B 62 10.79 -20.23 -20.70
N HIS B 63 9.57 -20.52 -21.13
N HIS B 63 9.57 -20.52 -21.13
CA HIS B 63 9.30 -21.57 -22.12
CA HIS B 63 9.31 -21.57 -22.11
C HIS B 63 9.57 -22.97 -21.56
C HIS B 63 9.57 -22.97 -21.56
N THR B 64 9.67 -23.06 -20.24
CA THR B 64 9.90 -24.36 -19.59
C THR B 64 8.69 -24.68 -18.72
N GLU B 65 7.79 -23.72 -18.58
CA GLU B 65 6.60 -23.88 -17.75
C GLU B 65 5.53 -24.83 -18.30
N GLN B 66 4.96 -25.63 -17.41
CA GLN B 66 3.89 -26.55 -17.73
C GLN B 66 2.80 -26.25 -16.70
N LYS B 67 1.67 -25.76 -17.18
CA LYS B 67 0.56 -25.40 -16.31
C LYS B 67 -0.49 -26.50 -16.32
N ARG B 68 -0.98 -26.85 -15.14
CA ARG B 68 -1.99 -27.88 -15.01
C ARG B 68 -3.08 -27.50 -14.02
N ASN B 69 -4.28 -28.00 -14.26
CA ASN B 69 -5.41 -27.73 -13.40
C ASN B 69 -5.56 -28.91 -12.43
N VAL B 70 -5.87 -28.63 -11.18
CA VAL B 70 -6.02 -29.70 -10.20
C VAL B 70 -7.45 -30.26 -10.26
N ILE B 71 -7.58 -31.58 -10.38
CA ILE B 71 -8.91 -32.18 -10.47
C ILE B 71 -9.33 -33.01 -9.25
N ARG B 72 -8.42 -33.15 -8.29
N ARG B 72 -8.42 -33.14 -8.30
CA ARG B 72 -8.72 -33.88 -7.07
CA ARG B 72 -8.66 -33.92 -7.09
C ARG B 72 -7.78 -33.36 -5.99
C ARG B 72 -7.76 -33.36 -5.98
N ILE B 73 -8.34 -33.08 -4.82
CA ILE B 73 -7.57 -32.56 -3.70
C ILE B 73 -7.76 -33.54 -2.55
N ILE B 74 -6.66 -34.11 -2.06
CA ILE B 74 -6.72 -35.10 -1.00
C ILE B 74 -5.92 -34.73 0.25
N PRO B 75 -6.56 -34.09 1.24
CA PRO B 75 -5.84 -33.74 2.45
C PRO B 75 -5.64 -35.06 3.19
N HIS B 76 -4.60 -35.18 3.99
CA HIS B 76 -4.43 -36.44 4.73
C HIS B 76 -5.68 -36.65 5.59
N HIS B 77 -6.12 -37.90 5.72
CA HIS B 77 -7.33 -38.19 6.49
C HIS B 77 -7.31 -37.77 7.95
N ASN B 78 -6.14 -37.61 8.55
CA ASN B 78 -6.10 -37.18 9.93
C ASN B 78 -6.05 -35.67 10.07
N TYR B 79 -5.86 -34.96 8.96
CA TYR B 79 -5.82 -33.50 9.02
C TYR B 79 -7.18 -32.96 9.45
N ASN B 80 -7.17 -32.05 10.43
CA ASN B 80 -8.40 -31.43 10.93
C ASN B 80 -8.05 -30.05 11.44
N ALA B 81 -8.32 -29.03 10.63
CA ALA B 81 -8.02 -27.65 10.99
C ALA B 81 -8.63 -27.19 12.30
N ALA B 82 -9.79 -27.72 12.64
CA ALA B 82 -10.50 -27.35 13.86
C ALA B 82 -9.79 -27.79 15.12
N ILE B 83 -8.98 -28.84 15.01
CA ILE B 83 -8.24 -29.34 16.15
C ILE B 83 -6.74 -29.13 15.93
N ASN B 84 -6.43 -28.08 15.15
N ASN B 84 -6.43 -28.09 15.15
CA ASN B 84 -5.08 -27.65 14.78
CA ASN B 84 -5.09 -27.62 14.78
C ASN B 84 -4.89 -27.57 13.27
C ASN B 84 -4.93 -27.56 13.27
N LYS B 85 -4.61 -26.36 12.78
CA LYS B 85 -4.43 -26.14 11.36
C LYS B 85 -3.11 -26.68 10.81
N TYR B 86 -2.29 -27.31 11.65
CA TYR B 86 -0.99 -27.79 11.16
C TYR B 86 -0.50 -29.21 11.47
N ASN B 87 -1.28 -30.01 12.20
CA ASN B 87 -0.85 -31.38 12.46
C ASN B 87 -1.32 -32.24 11.28
N HIS B 88 -0.45 -33.12 10.77
CA HIS B 88 -0.77 -33.94 9.59
C HIS B 88 -0.91 -32.97 8.41
N ASP B 89 -0.08 -31.93 8.40
CA ASP B 89 -0.16 -30.92 7.34
C ASP B 89 0.42 -31.41 6.02
N ILE B 90 -0.35 -32.22 5.31
CA ILE B 90 0.09 -32.75 4.03
C ILE B 90 -1.13 -33.10 3.20
N ALA B 91 -1.03 -32.86 1.90
CA ALA B 91 -2.14 -33.11 1.00
C ALA B 91 -1.62 -33.49 -0.38
N LEU B 92 -2.45 -34.16 -1.18
CA LEU B 92 -2.05 -34.58 -2.51
C LEU B 92 -2.99 -33.95 -3.54
N LEU B 93 -2.43 -33.54 -4.68
CA LEU B 93 -3.22 -32.93 -5.75
C LEU B 93 -3.07 -33.75 -7.03
N GLU B 94 -4.20 -34.11 -7.64
CA GLU B 94 -4.15 -34.85 -8.90
C GLU B 94 -4.30 -33.83 -10.03
N LEU B 95 -3.45 -33.94 -11.05
CA LEU B 95 -3.48 -33.03 -12.19
C LEU B 95 -4.37 -33.56 -13.31
N ASP B 96 -4.95 -32.64 -14.07
CA ASP B 96 -5.84 -33.01 -15.15
C ASP B 96 -5.12 -33.76 -16.28
N GLU B 97 -4.04 -33.16 -16.79
N GLU B 97 -4.04 -33.16 -16.77
CA GLU B 97 -3.25 -33.78 -17.85
CA GLU B 97 -3.26 -33.79 -17.84
C GLU B 97 -1.86 -34.06 -17.28
C GLU B 97 -1.88 -34.07 -17.26
N PRO B 98 -1.29 -35.23 -17.58
CA PRO B 98 0.04 -35.52 -17.03
C PRO B 98 1.12 -34.54 -17.46
N LEU B 99 2.07 -34.32 -16.57
CA LEU B 99 3.19 -33.44 -16.87
C LEU B 99 4.08 -34.23 -17.81
N VAL B 100 4.89 -33.53 -18.60
CA VAL B 100 5.84 -34.18 -19.49
C VAL B 100 7.19 -34.00 -18.81
N LEU B 101 7.76 -35.09 -18.31
CA LEU B 101 9.04 -35.02 -17.61
C LEU B 101 10.18 -34.63 -18.53
N ASN B 102 11.03 -33.73 -18.04
CA ASN B 102 12.22 -33.28 -18.75
C ASN B 102 13.16 -32.66 -17.72
N SER B 103 14.21 -31.98 -18.17
CA SER B 103 15.17 -31.38 -17.25
C SER B 103 14.63 -30.34 -16.28
N TYR B 104 13.50 -29.74 -16.61
CA TYR B 104 12.91 -28.71 -15.76
C TYR B 104 11.69 -29.21 -14.98
N VAL B 105 11.27 -30.43 -15.28
CA VAL B 105 10.10 -31.04 -14.66
C VAL B 105 10.44 -32.50 -14.36
N THR B 106 10.86 -32.76 -13.12
CA THR B 106 11.28 -34.09 -12.68
C THR B 106 10.76 -34.36 -11.28
N PRO B 107 10.33 -35.61 -11.00
CA PRO B 107 9.81 -35.90 -9.67
C PRO B 107 10.89 -35.89 -8.59
N ILE B 108 10.46 -35.75 -7.35
CA ILE B 108 11.38 -35.81 -6.21
C ILE B 108 11.33 -37.28 -5.79
N CYS B 109 12.43 -37.84 -5.34
CA CYS B 109 12.39 -39.23 -4.92
C CYS B 109 11.77 -39.35 -3.53
N ILE B 110 11.09 -40.46 -3.29
CA ILE B 110 10.47 -40.70 -2.00
C ILE B 110 10.83 -42.12 -1.56
N ALA B 111 11.64 -42.21 -0.51
CA ALA B 111 12.09 -43.49 0.02
C ALA B 111 11.06 -44.07 0.97
N ASP B 112 11.31 -45.26 1.49
CA ASP B 112 10.37 -45.86 2.44
C ASP B 112 10.49 -45.08 3.74
N LYS B 113 9.62 -45.37 4.71
CA LYS B 113 9.65 -44.63 5.97
C LYS B 113 10.97 -44.74 6.71
N GLU B 114 11.57 -45.93 6.67
CA GLU B 114 12.85 -46.12 7.35
C GLU B 114 13.92 -45.18 6.83
N TYR B 115 14.17 -45.22 5.53
CA TYR B 115 15.19 -44.37 4.95
C TYR B 115 14.86 -42.88 4.90
N THR B 116 13.58 -42.54 4.80
CA THR B 116 13.22 -41.12 4.76
C THR B 116 13.69 -40.51 6.07
N ASN B 117 13.47 -41.24 7.16
CA ASN B 117 13.87 -40.79 8.48
C ASN B 117 15.39 -40.79 8.62
N ILE B 118 16.05 -41.78 8.03
CA ILE B 118 17.51 -41.85 8.09
C ILE B 118 18.08 -40.64 7.36
N PHE B 119 17.50 -40.31 6.21
CA PHE B 119 17.95 -39.17 5.43
C PHE B 119 17.70 -37.86 6.18
N LEU B 120 16.57 -37.76 6.87
CA LEU B 120 16.25 -36.55 7.63
C LEU B 120 17.31 -36.33 8.70
N LYS B 121 17.72 -37.42 9.33
N LYS B 121 17.73 -37.39 9.37
CA LYS B 121 18.72 -37.39 10.39
CA LYS B 121 18.72 -37.23 10.42
C LYS B 121 20.13 -37.12 9.92
C LYS B 121 20.13 -37.01 9.93
N PHE B 122 20.31 -36.93 8.61
CA PHE B 122 21.63 -36.64 8.06
C PHE B 122 21.88 -35.24 8.63
N GLY B 123 20.78 -34.54 8.93
CA GLY B 123 20.88 -33.23 9.55
C GLY B 123 20.91 -31.98 8.69
N SER B 124 20.86 -32.11 7.36
CA SER B 124 20.91 -30.95 6.50
C SER B 124 20.02 -31.12 5.27
N GLY B 125 19.08 -30.20 5.10
CA GLY B 125 18.19 -30.27 3.96
C GLY B 125 18.04 -28.94 3.24
N TYR B 126 17.43 -28.98 2.06
CA TYR B 126 17.21 -27.78 1.27
C TYR B 126 15.72 -27.46 1.25
N VAL B 127 15.38 -26.19 1.43
CA VAL B 127 13.97 -25.78 1.32
C VAL B 127 13.97 -24.79 0.16
N SER B 128 12.87 -24.71 -0.56
CA SER B 128 12.82 -23.80 -1.70
C SER B 128 11.41 -23.28 -1.92
N GLY B 129 11.30 -22.14 -2.58
CA GLY B 129 9.98 -21.59 -2.84
C GLY B 129 9.98 -20.15 -3.28
N TRP B 130 8.79 -19.65 -3.62
CA TRP B 130 8.60 -18.28 -4.06
C TRP B 130 7.95 -17.46 -2.97
N GLY B 131 8.09 -17.93 -1.73
CA GLY B 131 7.52 -17.22 -0.60
C GLY B 131 8.21 -15.89 -0.36
N ARG B 132 7.77 -15.20 0.69
CA ARG B 132 8.33 -13.90 1.04
C ARG B 132 9.81 -13.97 1.33
N VAL B 133 10.54 -12.94 0.88
CA VAL B 133 11.98 -12.87 1.10
C VAL B 133 12.30 -12.08 2.37
N PHE B 134 11.28 -11.46 2.95
CA PHE B 134 11.37 -10.71 4.20
C PHE B 134 10.06 -10.96 4.93
N HIS B 135 10.09 -11.08 6.25
CA HIS B 135 8.85 -11.27 7.00
C HIS B 135 7.94 -10.09 6.63
N LYS B 136 6.68 -10.39 6.31
CA LYS B 136 5.69 -9.39 5.93
C LYS B 136 6.10 -8.60 4.69
N GLY B 137 7.05 -9.14 3.93
CA GLY B 137 7.52 -8.46 2.74
C GLY B 137 7.05 -9.07 1.43
N ARG B 138 7.75 -8.70 0.36
CA ARG B 138 7.44 -9.15 -0.99
C ARG B 138 7.74 -10.62 -1.28
N SER B 139 6.93 -11.23 -2.13
N SER B 139 6.91 -11.24 -2.11
CA SER B 139 7.12 -12.61 -2.55
CA SER B 139 7.12 -12.63 -2.51
C SER B 139 8.27 -12.57 -3.55
C SER B 139 8.26 -12.58 -3.53
N ALA B 140 9.01 -13.67 -3.66
CA ALA B 140 10.12 -13.73 -4.59
C ALA B 140 9.66 -13.83 -6.04
N LEU B 141 10.47 -13.29 -6.96
CA LEU B 141 10.16 -13.38 -8.37
C LEU B 141 10.87 -14.63 -8.88
N VAL B 142 12.13 -14.77 -8.48
CA VAL B 142 12.95 -15.92 -8.85
C VAL B 142 12.95 -16.91 -7.70
N LEU B 143 12.83 -18.20 -8.04
CA LEU B 143 12.82 -19.28 -7.05
C LEU B 143 14.01 -19.18 -6.10
N GLN B 144 13.72 -19.22 -4.80
CA GLN B 144 14.76 -19.15 -3.77
C GLN B 144 15.00 -20.51 -3.11
N TYR B 145 16.22 -20.74 -2.64
CA TYR B 145 16.50 -21.99 -1.93
C TYR B 145 17.39 -21.67 -0.74
N LEU B 146 17.34 -22.53 0.26
CA LEU B 146 18.11 -22.34 1.48
C LEU B 146 18.43 -23.65 2.16
N ARG B 147 19.67 -23.80 2.60
N ARG B 147 19.67 -23.79 2.61
CA ARG B 147 20.08 -25.01 3.30
CA ARG B 147 20.07 -25.00 3.32
C ARG B 147 19.77 -24.79 4.77
C ARG B 147 19.76 -24.77 4.79
N VAL B 148 19.02 -25.70 5.39
CA VAL B 148 18.67 -25.56 6.80
C VAL B 148 19.07 -26.77 7.62
N PRO B 149 19.65 -26.55 8.80
CA PRO B 149 20.07 -27.67 9.65
C PRO B 149 18.93 -28.13 10.54
N LEU B 150 18.91 -29.43 10.83
CA LEU B 150 17.91 -30.02 11.69
C LEU B 150 18.14 -29.56 13.12
N VAL B 151 17.07 -29.27 13.85
CA VAL B 151 17.17 -28.82 15.24
C VAL B 151 16.62 -29.91 16.16
N ASP B 152 17.39 -30.30 17.18
CA ASP B 152 16.94 -31.34 18.10
C ASP B 152 15.61 -30.98 18.73
N ARG B 153 14.76 -32.00 18.94
N ARG B 153 14.79 -32.00 18.98
CA ARG B 153 13.42 -31.84 19.51
CA ARG B 153 13.48 -31.78 19.54
C ARG B 153 13.38 -31.09 20.85
C ARG B 153 13.49 -30.98 20.82
N ALA B 154 14.25 -31.47 21.78
CA ALA B 154 14.32 -30.81 23.08
C ALA B 154 14.37 -29.29 22.90
N THR B 155 15.35 -28.85 22.13
CA THR B 155 15.55 -27.42 21.86
C THR B 155 14.32 -26.75 21.24
N CYS B 156 13.64 -27.45 20.34
CA CYS B 156 12.48 -26.88 19.67
C CYS B 156 11.29 -26.73 20.60
N LEU B 157 11.02 -27.77 21.38
CA LEU B 157 9.90 -27.74 22.31
C LEU B 157 10.07 -26.57 23.28
N ARG B 158 11.31 -26.27 23.62
CA ARG B 158 11.59 -25.18 24.54
C ARG B 158 11.59 -23.80 23.86
N SER B 159 11.57 -23.80 22.52
CA SER B 159 11.57 -22.53 21.78
C SER B 159 10.17 -21.99 21.55
N THR B 160 9.15 -22.81 21.78
CA THR B 160 7.78 -22.38 21.56
C THR B 160 6.81 -22.94 22.59
N LYS B 161 5.73 -22.20 22.84
CA LYS B 161 4.72 -22.63 23.79
C LYS B 161 3.70 -23.48 23.04
N PHE B 162 3.85 -23.56 21.72
CA PHE B 162 2.94 -24.34 20.90
C PHE B 162 3.39 -25.78 20.82
N THR B 163 2.46 -26.68 20.53
CA THR B 163 2.75 -28.09 20.45
C THR B 163 3.48 -28.54 19.18
N ILE B 164 4.58 -29.25 19.39
CA ILE B 164 5.35 -29.82 18.30
C ILE B 164 5.08 -31.33 18.34
N TYR B 165 4.19 -31.80 17.49
CA TYR B 165 3.83 -33.21 17.46
C TYR B 165 4.92 -34.09 16.84
N ASN B 166 4.80 -35.40 17.03
CA ASN B 166 5.77 -36.34 16.48
C ASN B 166 5.72 -36.34 14.96
N ASN B 167 4.68 -35.75 14.40
CA ASN B 167 4.55 -35.68 12.94
C ASN B 167 5.21 -34.44 12.38
N MET B 168 5.97 -33.73 13.22
CA MET B 168 6.64 -32.50 12.80
C MET B 168 8.10 -32.54 13.21
N PHE B 169 8.92 -31.74 12.53
CA PHE B 169 10.32 -31.61 12.91
C PHE B 169 10.67 -30.13 12.80
N CYS B 170 11.78 -29.74 13.39
N CYS B 170 11.78 -29.75 13.41
CA CYS B 170 12.19 -28.35 13.34
CA CYS B 170 12.26 -28.38 13.50
C CYS B 170 13.51 -28.20 12.63
C CYS B 170 13.56 -28.19 12.68
N ALA B 171 13.67 -27.08 11.95
CA ALA B 171 14.88 -26.81 11.19
C ALA B 171 15.07 -25.31 11.03
N GLY B 172 16.31 -24.87 11.05
CA GLY B 172 16.59 -23.46 10.93
C GLY B 172 17.79 -23.07 11.76
N PHE B 173 17.99 -21.77 11.92
CA PHE B 173 19.13 -21.27 12.67
C PHE B 173 18.76 -20.60 13.98
N HIS B 174 19.50 -20.95 15.03
CA HIS B 174 19.25 -20.40 16.36
C HIS B 174 19.38 -18.88 16.36
N GLU B 175 20.29 -18.36 15.54
CA GLU B 175 20.55 -16.93 15.47
C GLU B 175 19.58 -16.11 14.63
N GLY B 176 18.76 -16.79 13.82
CA GLY B 176 17.80 -16.11 12.97
C GLY B 176 18.39 -15.62 11.66
N GLY B 177 17.58 -14.98 10.82
CA GLY B 177 18.08 -14.45 9.56
C GLY B 177 17.85 -15.24 8.29
N ARG B 178 17.61 -16.54 8.43
CA ARG B 178 17.37 -17.42 7.28
C ARG B 178 16.28 -18.42 7.66
N ASP B 179 15.26 -18.57 6.80
CA ASP B 179 14.16 -19.46 7.15
C ASP B 179 13.17 -19.47 5.98
N SER B 180 12.22 -20.41 6.01
N SER B 180 12.21 -20.40 6.02
CA SER B 180 11.18 -20.43 4.99
CA SER B 180 11.18 -20.42 4.99
C SER B 180 10.18 -19.39 5.51
C SER B 180 10.24 -19.33 5.49
N CYS B 181 9.26 -18.93 4.69
CA CYS B 181 8.31 -17.91 5.13
C CYS B 181 6.96 -18.06 4.44
N GLN B 182 6.05 -17.10 4.67
CA GLN B 182 4.74 -17.19 4.03
C GLN B 182 4.88 -17.25 2.52
N GLY B 183 4.13 -18.17 1.91
CA GLY B 183 4.21 -18.37 0.48
C GLY B 183 4.98 -19.64 0.16
N ASP B 184 5.80 -20.09 1.11
CA ASP B 184 6.61 -21.30 0.93
C ASP B 184 5.92 -22.60 1.35
N ALA B 185 4.91 -22.52 2.22
CA ALA B 185 4.23 -23.73 2.68
C ALA B 185 3.86 -24.66 1.53
N GLY B 186 3.98 -25.96 1.79
CA GLY B 186 3.64 -26.95 0.79
C GLY B 186 4.85 -27.33 -0.04
N GLY B 187 5.85 -26.45 -0.05
CA GLY B 187 7.07 -26.70 -0.78
C GLY B 187 7.87 -27.80 -0.11
N PRO B 188 8.90 -28.30 -0.77
CA PRO B 188 9.69 -29.38 -0.19
C PRO B 188 10.87 -29.02 0.71
N HIS B 189 11.21 -29.99 1.57
CA HIS B 189 12.40 -29.94 2.42
C HIS B 189 13.00 -31.23 1.86
N VAL B 190 14.15 -31.14 1.19
CA VAL B 190 14.75 -32.32 0.61
C VAL B 190 16.17 -32.57 1.10
N THR B 191 16.57 -33.82 1.02
CA THR B 191 17.91 -34.22 1.45
C THR B 191 18.59 -34.87 0.26
N GLU B 192 19.75 -34.33 -0.11
CA GLU B 192 20.48 -34.86 -1.26
C GLU B 192 21.41 -36.00 -0.83
N VAL B 193 21.20 -37.16 -1.45
CA VAL B 193 21.99 -38.35 -1.15
C VAL B 193 22.78 -38.83 -2.36
N GLU B 194 24.07 -38.55 -2.38
CA GLU B 194 24.93 -38.99 -3.48
C GLU B 194 24.40 -38.46 -4.82
N GLY B 195 23.97 -37.21 -4.83
CA GLY B 195 23.46 -36.62 -6.06
C GLY B 195 21.98 -36.83 -6.32
N THR B 196 21.32 -37.62 -5.48
CA THR B 196 19.89 -37.88 -5.66
C THR B 196 19.09 -37.30 -4.50
N SER B 197 18.17 -36.39 -4.80
CA SER B 197 17.38 -35.75 -3.75
C SER B 197 16.13 -36.53 -3.35
N PHE B 198 15.90 -36.61 -2.04
CA PHE B 198 14.75 -37.31 -1.47
C PHE B 198 13.90 -36.34 -0.62
N LEU B 199 12.58 -36.51 -0.69
CA LEU B 199 11.69 -35.66 0.07
C LEU B 199 11.72 -36.05 1.54
N THR B 200 12.12 -35.13 2.41
CA THR B 200 12.17 -35.41 3.83
C THR B 200 11.19 -34.59 4.68
N GLY B 201 10.64 -33.53 4.12
CA GLY B 201 9.68 -32.74 4.88
C GLY B 201 8.81 -31.85 4.00
N ILE B 202 7.78 -31.27 4.59
CA ILE B 202 6.90 -30.34 3.88
C ILE B 202 6.95 -29.03 4.68
N ILE B 203 7.20 -27.92 4.00
CA ILE B 203 7.24 -26.62 4.65
C ILE B 203 5.84 -26.40 5.22
N SER B 204 5.75 -26.12 6.52
CA SER B 204 4.45 -25.97 7.17
C SER B 204 4.17 -24.67 7.94
N TRP B 205 4.78 -24.49 9.10
CA TRP B 205 4.50 -23.28 9.87
C TRP B 205 5.65 -22.76 10.69
N GLY B 206 5.36 -21.73 11.48
CA GLY B 206 6.35 -21.13 12.35
C GLY B 206 5.74 -19.93 13.04
N GLU B 207 6.55 -19.22 13.83
CA GLU B 207 6.09 -18.02 14.51
C GLU B 207 6.85 -16.89 13.82
N GLU B 208 6.16 -16.22 12.89
CA GLU B 208 6.76 -15.18 12.09
C GLU B 208 7.80 -15.95 11.30
N CYS B 209 8.86 -15.28 10.85
CA CYS B 209 9.87 -15.95 10.06
C CYS B 209 11.28 -15.45 10.37
N ALA B 210 12.25 -16.35 10.34
CA ALA B 210 13.67 -15.97 10.54
C ALA B 210 14.00 -15.20 11.82
N MET B 211 13.20 -15.39 12.86
CA MET B 211 13.41 -14.71 14.13
C MET B 211 14.38 -15.50 15.03
N LYS B 212 15.20 -14.78 15.78
CA LYS B 212 16.16 -15.39 16.69
C LYS B 212 15.42 -16.25 17.73
N GLY B 213 15.93 -17.46 17.96
CA GLY B 213 15.33 -18.35 18.93
C GLY B 213 14.07 -19.06 18.47
N LYS B 214 13.76 -18.92 17.18
CA LYS B 214 12.58 -19.56 16.62
C LYS B 214 13.00 -20.37 15.39
N TYR B 215 12.31 -21.48 15.13
CA TYR B 215 12.65 -22.32 14.00
C TYR B 215 11.46 -22.60 13.09
N GLY B 216 11.74 -23.00 11.86
CA GLY B 216 10.67 -23.33 10.95
C GLY B 216 10.19 -24.72 11.36
N ILE B 217 8.88 -24.95 11.28
CA ILE B 217 8.36 -26.27 11.65
C ILE B 217 7.91 -26.96 10.37
N TYR B 218 8.31 -28.22 10.22
CA TYR B 218 8.00 -28.99 9.01
C TYR B 218 7.25 -30.29 9.26
N THR B 219 6.49 -30.73 8.25
CA THR B 219 5.75 -31.98 8.35
C THR B 219 6.79 -33.07 8.13
N LYS B 220 6.83 -34.06 9.02
CA LYS B 220 7.78 -35.16 8.88
C LYS B 220 7.23 -36.14 7.85
N VAL B 221 7.77 -36.12 6.65
CA VAL B 221 7.32 -36.97 5.55
C VAL B 221 7.41 -38.47 5.77
N SER B 222 8.43 -38.93 6.49
CA SER B 222 8.59 -40.38 6.72
C SER B 222 7.30 -41.01 7.23
N ARG B 223 6.56 -40.27 8.06
CA ARG B 223 5.32 -40.75 8.64
C ARG B 223 4.18 -40.90 7.64
N TYR B 224 4.34 -40.30 6.46
CA TYR B 224 3.28 -40.32 5.45
C TYR B 224 3.66 -40.95 4.13
N VAL B 225 4.86 -41.49 4.02
CA VAL B 225 5.29 -42.09 2.76
C VAL B 225 4.39 -43.22 2.26
N ASN B 226 3.93 -44.09 3.16
CA ASN B 226 3.07 -45.19 2.72
C ASN B 226 1.77 -44.67 2.07
N TRP B 227 1.20 -43.63 2.70
CA TRP B 227 -0.03 -43.00 2.21
C TRP B 227 0.22 -42.34 0.86
N ILE B 228 1.36 -41.67 0.72
CA ILE B 228 1.70 -41.02 -0.54
C ILE B 228 1.81 -42.06 -1.66
N LYS B 229 2.58 -43.11 -1.42
CA LYS B 229 2.75 -44.16 -2.43
C LYS B 229 1.43 -44.81 -2.82
N GLU B 230 0.58 -45.07 -1.82
CA GLU B 230 -0.72 -45.70 -2.07
C GLU B 230 -1.65 -44.81 -2.90
N LYS B 231 -1.77 -43.55 -2.53
CA LYS B 231 -2.65 -42.61 -3.22
C LYS B 231 -2.22 -42.18 -4.63
N THR B 232 -0.90 -42.09 -4.85
CA THR B 232 -0.38 -41.63 -6.13
C THR B 232 0.04 -42.69 -7.13
N LYS B 233 -0.07 -43.96 -6.74
CA LYS B 233 0.32 -45.02 -7.65
C LYS B 233 -0.41 -44.91 -8.98
N LEU B 234 0.34 -44.94 -10.09
CA LEU B 234 -0.26 -44.87 -11.42
C LEU B 234 -0.35 -46.31 -11.90
N THR B 235 0.47 -47.16 -11.30
CA THR B 235 0.56 -48.58 -11.61
C THR B 235 -0.74 -49.33 -11.25
N SER C 3 -0.21 44.82 20.82
CA SER C 3 0.53 43.82 21.62
C SER C 3 0.88 42.60 20.77
N PRO C 4 1.84 41.76 21.24
CA PRO C 4 2.26 40.56 20.52
C PRO C 4 1.19 39.47 20.60
N VAL C 5 -0.01 39.78 20.12
CA VAL C 5 -1.12 38.84 20.16
C VAL C 5 -0.86 37.56 19.39
N ASP C 6 -1.04 36.43 20.06
CA ASP C 6 -0.86 35.12 19.44
C ASP C 6 -2.24 34.68 18.99
N ILE C 7 -2.51 34.79 17.70
CA ILE C 7 -3.82 34.44 17.16
C ILE C 7 -4.32 33.05 17.54
N CYS C 8 -3.41 32.08 17.65
CA CYS C 8 -3.80 30.72 17.99
C CYS C 8 -4.34 30.50 19.40
N THR C 9 -4.16 31.48 20.28
CA THR C 9 -4.68 31.36 21.64
C THR C 9 -5.51 32.59 21.98
N ALA C 10 -5.95 33.31 20.95
CA ALA C 10 -6.74 34.51 21.15
C ALA C 10 -8.24 34.29 21.09
N LYS C 11 -8.97 35.27 21.57
CA LYS C 11 -10.43 35.26 21.57
C LYS C 11 -10.84 36.42 20.68
N PRO C 12 -11.98 36.30 19.99
CA PRO C 12 -12.45 37.37 19.09
C PRO C 12 -12.41 38.76 19.74
N ARG C 13 -12.77 38.84 21.01
CA ARG C 13 -12.78 40.12 21.70
C ARG C 13 -11.40 40.67 22.04
N ASP C 14 -10.39 39.82 22.05
CA ASP C 14 -9.04 40.28 22.37
C ASP C 14 -8.62 41.38 21.40
N ILE C 15 -8.87 41.15 20.12
CA ILE C 15 -8.52 42.11 19.08
C ILE C 15 -9.71 42.43 18.19
N PRO C 16 -10.52 43.43 18.57
CA PRO C 16 -11.70 43.83 17.79
C PRO C 16 -11.33 43.95 16.31
N MET C 17 -12.01 43.16 15.47
CA MET C 17 -11.73 43.16 14.05
C MET C 17 -13.00 42.98 13.21
N ASN C 18 -14.07 43.69 13.56
CA ASN C 18 -15.32 43.59 12.82
C ASN C 18 -15.22 44.10 11.40
N PRO C 19 -15.95 43.47 10.47
CA PRO C 19 -15.95 43.86 9.06
C PRO C 19 -16.76 45.11 8.80
N MET C 20 -16.55 45.72 7.64
CA MET C 20 -17.27 46.93 7.28
C MET C 20 -18.74 46.58 7.05
N CYS C 21 -18.98 45.42 6.46
CA CYS C 21 -20.34 44.95 6.21
C CYS C 21 -20.49 43.53 6.74
N ILE C 22 -21.70 43.17 7.12
CA ILE C 22 -21.95 41.83 7.62
C ILE C 22 -23.02 41.20 6.74
N TYR C 23 -23.11 39.87 6.77
CA TYR C 23 -24.11 39.19 5.98
C TYR C 23 -25.14 38.48 6.83
N ARG C 24 -26.40 38.58 6.40
CA ARG C 24 -27.51 37.94 7.08
C ARG C 24 -28.39 37.27 6.05
N SER C 25 -28.45 35.95 6.10
CA SER C 25 -29.25 35.16 5.16
C SER C 25 -30.73 35.47 5.29
N PRO C 26 -31.47 35.44 4.18
CA PRO C 26 -32.91 35.72 4.19
C PRO C 26 -33.63 34.79 5.18
N GLU C 27 -33.17 33.54 5.24
CA GLU C 27 -33.76 32.55 6.14
C GLU C 27 -32.69 31.58 6.65
N GLN C 38 -23.56 14.64 12.33
CA GLN C 38 -23.03 13.88 13.46
C GLN C 38 -22.97 14.74 14.72
N LYS C 39 -22.42 14.18 15.80
CA LYS C 39 -22.30 14.90 17.06
C LYS C 39 -21.00 15.68 17.11
N ILE C 40 -20.98 16.77 17.86
CA ILE C 40 -19.79 17.60 17.96
C ILE C 40 -18.57 16.83 18.46
N PRO C 41 -17.43 16.96 17.76
CA PRO C 41 -16.17 16.29 18.10
C PRO C 41 -15.69 16.64 19.51
N GLU C 42 -14.86 15.76 20.07
CA GLU C 42 -14.32 15.96 21.42
C GLU C 42 -13.40 17.18 21.50
N ALA C 43 -13.50 17.91 22.61
CA ALA C 43 -12.68 19.09 22.86
C ALA C 43 -12.57 20.01 21.64
N THR C 44 -13.71 20.30 21.03
CA THR C 44 -13.71 21.15 19.84
C THR C 44 -14.65 22.34 19.92
N ASN C 45 -14.18 23.49 19.43
CA ASN C 45 -14.98 24.70 19.40
C ASN C 45 -16.02 24.47 18.30
N ARG C 46 -17.29 24.56 18.67
N ARG C 46 -17.29 24.56 18.67
CA ARG C 46 -18.38 24.34 17.73
CA ARG C 46 -18.38 24.33 17.72
C ARG C 46 -18.33 25.23 16.48
C ARG C 46 -18.34 25.23 16.49
N ARG C 47 -17.85 26.46 16.65
CA ARG C 47 -17.78 27.40 15.54
C ARG C 47 -16.73 26.95 14.53
N VAL C 48 -15.63 26.41 15.02
CA VAL C 48 -14.56 25.90 14.16
C VAL C 48 -15.10 24.69 13.41
N TRP C 49 -15.89 23.88 14.10
CA TRP C 49 -16.48 22.69 13.50
C TRP C 49 -17.46 23.04 12.38
N GLU C 50 -18.33 24.04 12.60
CA GLU C 50 -19.29 24.38 11.56
C GLU C 50 -18.57 24.96 10.33
N LEU C 51 -17.43 25.60 10.56
CA LEU C 51 -16.66 26.17 9.46
C LEU C 51 -16.01 25.02 8.67
N SER C 52 -15.52 24.02 9.39
CA SER C 52 -14.90 22.87 8.73
C SER C 52 -15.93 22.15 7.85
N LYS C 53 -17.15 22.03 8.37
CA LYS C 53 -18.22 21.37 7.63
C LYS C 53 -18.58 22.16 6.38
N ALA C 54 -18.55 23.47 6.47
CA ALA C 54 -18.85 24.32 5.32
C ALA C 54 -17.81 24.10 4.23
N ASN C 55 -16.54 24.00 4.64
CA ASN C 55 -15.47 23.78 3.69
C ASN C 55 -15.68 22.49 2.90
N SER C 56 -16.14 21.44 3.56
CA SER C 56 -16.38 20.18 2.87
C SER C 56 -17.49 20.32 1.84
N ARG C 57 -18.52 21.11 2.15
CA ARG C 57 -19.61 21.31 1.20
C ARG C 57 -19.05 22.04 -0.02
N PHE C 58 -18.20 23.04 0.23
CA PHE C 58 -17.59 23.78 -0.86
C PHE C 58 -16.65 22.86 -1.65
N ALA C 59 -15.85 22.08 -0.94
CA ALA C 59 -14.88 21.19 -1.56
C ALA C 59 -15.44 20.26 -2.64
N THR C 60 -16.54 19.58 -2.33
N THR C 60 -16.54 19.59 -2.32
CA THR C 60 -17.13 18.65 -3.28
CA THR C 60 -17.16 18.65 -3.26
C THR C 60 -17.60 19.35 -4.55
C THR C 60 -17.59 19.35 -4.55
N THR C 61 -18.25 20.49 -4.41
CA THR C 61 -18.71 21.24 -5.57
C THR C 61 -17.54 21.78 -6.39
N PHE C 62 -16.56 22.37 -5.70
CA PHE C 62 -15.40 22.92 -6.41
C PHE C 62 -14.61 21.87 -7.18
N TYR C 63 -14.40 20.72 -6.56
CA TYR C 63 -13.63 19.65 -7.20
C TYR C 63 -14.22 19.22 -8.54
N GLN C 64 -15.55 19.12 -8.58
N GLN C 64 -15.55 19.10 -8.59
CA GLN C 64 -16.25 18.73 -9.79
CA GLN C 64 -16.21 18.69 -9.83
C GLN C 64 -16.00 19.71 -10.91
C GLN C 64 -16.03 19.72 -10.94
N HIS C 65 -15.99 21.00 -10.57
CA HIS C 65 -15.78 22.05 -11.56
C HIS C 65 -14.32 22.06 -11.99
N LEU C 66 -13.43 21.79 -11.04
CA LEU C 66 -12.01 21.76 -11.33
C LEU C 66 -11.68 20.59 -12.25
N ALA C 67 -12.21 19.42 -11.91
CA ALA C 67 -11.98 18.21 -12.70
C ALA C 67 -12.45 18.42 -14.14
N ASP C 68 -13.60 19.08 -14.29
CA ASP C 68 -14.17 19.35 -15.60
C ASP C 68 -13.25 20.23 -16.45
N SER C 69 -12.53 21.14 -15.80
CA SER C 69 -11.62 22.04 -16.51
C SER C 69 -10.28 21.38 -16.83
N LYS C 70 -10.07 20.19 -16.29
CA LYS C 70 -8.83 19.45 -16.51
C LYS C 70 -9.06 18.22 -17.38
N ASN C 71 -7.97 17.54 -17.73
CA ASN C 71 -8.05 16.33 -18.54
C ASN C 71 -7.99 15.15 -17.58
N ASP C 72 -8.87 14.18 -17.78
CA ASP C 72 -8.93 13.01 -16.91
C ASP C 72 -7.62 12.24 -16.80
N ASN C 73 -6.69 12.49 -17.72
CA ASN C 73 -5.40 11.80 -17.70
C ASN C 73 -4.38 12.47 -16.80
N ASP C 74 -4.69 13.66 -16.33
CA ASP C 74 -3.77 14.41 -15.48
C ASP C 74 -4.07 14.29 -13.99
N ASN C 75 -3.03 14.44 -13.18
CA ASN C 75 -3.18 14.36 -11.73
C ASN C 75 -3.82 15.65 -11.24
N ILE C 76 -4.37 15.60 -10.03
CA ILE C 76 -5.01 16.76 -9.41
C ILE C 76 -4.61 16.75 -7.94
N PHE C 77 -4.39 17.94 -7.40
CA PHE C 77 -4.07 18.06 -5.98
C PHE C 77 -4.32 19.49 -5.57
N LEU C 78 -5.04 19.66 -4.46
CA LEU C 78 -5.34 20.99 -3.98
C LEU C 78 -5.73 20.94 -2.51
N SER C 79 -5.77 22.11 -1.89
CA SER C 79 -6.23 22.23 -0.52
C SER C 79 -7.47 23.10 -0.59
N PRO C 80 -8.66 22.49 -0.51
CA PRO C 80 -9.86 23.31 -0.57
C PRO C 80 -9.92 24.26 0.63
N LEU C 81 -9.33 23.84 1.74
CA LEU C 81 -9.34 24.67 2.94
C LEU C 81 -8.54 25.96 2.71
N SER C 82 -7.41 25.84 2.02
N SER C 82 -7.41 25.86 2.02
CA SER C 82 -6.57 26.98 1.70
CA SER C 82 -6.59 27.03 1.73
C SER C 82 -7.35 28.00 0.86
C SER C 82 -7.39 28.02 0.88
N ILE C 83 -8.13 27.47 -0.08
CA ILE C 83 -8.94 28.30 -0.96
C ILE C 83 -10.07 28.99 -0.17
N SER C 84 -10.76 28.22 0.68
CA SER C 84 -11.83 28.81 1.47
C SER C 84 -11.30 29.92 2.37
N THR C 85 -10.15 29.69 3.00
CA THR C 85 -9.57 30.69 3.87
C THR C 85 -9.23 31.97 3.10
N ALA C 86 -8.64 31.79 1.92
CA ALA C 86 -8.23 32.93 1.09
C ALA C 86 -9.43 33.81 0.72
N PHE C 87 -10.53 33.19 0.31
CA PHE C 87 -11.68 33.99 -0.05
C PHE C 87 -12.42 34.56 1.14
N ALA C 88 -12.17 33.99 2.32
CA ALA C 88 -12.79 34.52 3.53
C ALA C 88 -12.10 35.85 3.79
N MET C 89 -10.88 36.00 3.31
CA MET C 89 -10.14 37.25 3.48
C MET C 89 -10.71 38.35 2.58
N THR C 90 -11.44 37.98 1.53
CA THR C 90 -12.05 38.99 0.68
C THR C 90 -13.43 39.24 1.27
N LYS C 91 -14.01 38.21 1.88
CA LYS C 91 -15.32 38.32 2.51
C LYS C 91 -15.20 39.42 3.57
N LEU C 92 -14.11 39.40 4.30
CA LEU C 92 -13.83 40.38 5.35
C LEU C 92 -14.01 41.82 4.88
N GLY C 93 -13.69 42.09 3.61
CA GLY C 93 -13.84 43.45 3.12
C GLY C 93 -14.92 43.65 2.07
N ALA C 94 -15.72 42.61 1.81
CA ALA C 94 -16.77 42.70 0.81
C ALA C 94 -18.11 43.22 1.34
N CYS C 95 -18.96 43.66 0.42
N CYS C 95 -18.96 43.67 0.42
CA CYS C 95 -20.26 44.19 0.77
CA CYS C 95 -20.26 44.19 0.77
C CYS C 95 -21.27 43.89 -0.32
C CYS C 95 -21.28 43.88 -0.33
N ASN C 96 -22.55 44.04 -0.01
CA ASN C 96 -23.63 43.81 -0.96
C ASN C 96 -23.59 42.48 -1.72
N ASP C 97 -23.91 42.53 -3.01
CA ASP C 97 -23.94 41.33 -3.86
C ASP C 97 -22.60 40.59 -3.91
N THR C 98 -21.50 41.33 -3.83
CA THR C 98 -20.19 40.70 -3.85
C THR C 98 -20.07 39.79 -2.62
N LEU C 99 -20.50 40.31 -1.47
CA LEU C 99 -20.46 39.57 -0.22
C LEU C 99 -21.43 38.39 -0.24
N GLN C 100 -22.67 38.65 -0.66
CA GLN C 100 -23.68 37.58 -0.71
C GLN C 100 -23.22 36.39 -1.55
N GLN C 101 -22.68 36.67 -2.73
CA GLN C 101 -22.21 35.61 -3.60
C GLN C 101 -21.09 34.81 -2.93
N LEU C 102 -20.18 35.50 -2.25
CA LEU C 102 -19.09 34.85 -1.55
C LEU C 102 -19.64 33.88 -0.50
N MET C 103 -20.63 34.35 0.25
CA MET C 103 -21.24 33.53 1.29
C MET C 103 -21.94 32.30 0.72
N GLU C 104 -22.65 32.46 -0.39
CA GLU C 104 -23.37 31.35 -1.00
C GLU C 104 -22.44 30.34 -1.69
N VAL C 105 -21.47 30.84 -2.45
CA VAL C 105 -20.56 29.95 -3.15
C VAL C 105 -19.70 29.09 -2.23
N PHE C 106 -19.17 29.71 -1.18
CA PHE C 106 -18.31 28.98 -0.25
C PHE C 106 -19.08 28.28 0.87
N LYS C 107 -20.41 28.30 0.74
CA LYS C 107 -21.29 27.65 1.71
C LYS C 107 -21.17 28.22 3.13
N PHE C 108 -20.85 29.50 3.25
CA PHE C 108 -20.73 30.15 4.56
C PHE C 108 -22.09 30.67 5.01
N ASP C 109 -23.02 30.81 4.08
CA ASP C 109 -24.34 31.35 4.39
C ASP C 109 -25.20 30.58 5.40
N THR C 110 -24.80 29.37 5.76
CA THR C 110 -25.58 28.58 6.71
C THR C 110 -25.08 28.63 8.15
N ILE C 111 -23.89 29.19 8.36
CA ILE C 111 -23.33 29.27 9.71
C ILE C 111 -23.99 30.34 10.59
N SER C 112 -23.70 30.31 11.88
CA SER C 112 -24.30 31.26 12.82
C SER C 112 -23.78 32.68 12.62
N GLU C 113 -24.55 33.67 13.08
CA GLU C 113 -24.18 35.07 12.93
C GLU C 113 -22.81 35.46 13.47
N LYS C 114 -22.46 35.00 14.67
CA LYS C 114 -21.16 35.36 15.21
C LYS C 114 -20.02 34.73 14.42
N THR C 115 -20.19 33.48 13.98
CA THR C 115 -19.12 32.83 13.24
C THR C 115 -18.95 33.54 11.90
N SER C 116 -20.06 33.97 11.32
CA SER C 116 -20.05 34.68 10.04
C SER C 116 -19.34 36.03 10.16
N ASP C 117 -19.72 36.82 11.15
CA ASP C 117 -19.11 38.14 11.35
C ASP C 117 -17.61 38.05 11.68
N GLN C 118 -17.20 36.96 12.33
CA GLN C 118 -15.79 36.77 12.70
C GLN C 118 -15.21 35.60 11.92
N ILE C 119 -15.73 35.34 10.73
CA ILE C 119 -15.28 34.20 9.94
C ILE C 119 -13.78 34.14 9.68
N HIS C 120 -13.17 35.30 9.46
CA HIS C 120 -11.73 35.37 9.21
C HIS C 120 -10.95 34.93 10.46
N PHE C 121 -11.51 35.20 11.63
CA PHE C 121 -10.87 34.82 12.88
C PHE C 121 -11.00 33.32 13.10
N PHE C 122 -12.19 32.77 12.87
CA PHE C 122 -12.36 31.35 13.08
C PHE C 122 -11.61 30.51 12.06
N PHE C 123 -11.34 31.06 10.88
CA PHE C 123 -10.56 30.30 9.91
C PHE C 123 -9.14 30.21 10.49
N ALA C 124 -8.69 31.29 11.13
CA ALA C 124 -7.36 31.29 11.72
C ALA C 124 -7.31 30.24 12.83
N LYS C 125 -8.38 30.18 13.62
CA LYS C 125 -8.46 29.23 14.71
C LYS C 125 -8.43 27.79 14.16
N LEU C 126 -9.17 27.57 13.08
CA LEU C 126 -9.22 26.25 12.45
C LEU C 126 -7.85 25.88 11.88
N ASN C 127 -7.22 26.83 11.18
CA ASN C 127 -5.91 26.57 10.61
C ASN C 127 -4.86 26.36 11.69
N CYS C 128 -5.00 27.05 12.82
CA CYS C 128 -4.07 26.90 13.92
C CYS C 128 -4.12 25.47 14.44
N ARG C 129 -5.33 25.00 14.68
CA ARG C 129 -5.56 23.65 15.18
C ARG C 129 -4.98 22.58 14.26
N LEU C 130 -5.29 22.71 12.97
CA LEU C 130 -4.82 21.74 11.99
C LEU C 130 -3.32 21.78 11.78
N TYR C 131 -2.73 22.98 11.82
CA TYR C 131 -1.30 23.09 11.62
C TYR C 131 -0.54 22.43 12.77
N ARG C 132 -1.02 22.65 13.99
CA ARG C 132 -0.38 22.07 15.16
C ARG C 132 -0.33 20.56 15.00
N LYS C 133 -1.44 19.96 14.60
CA LYS C 133 -1.50 18.52 14.41
C LYS C 133 -0.69 18.04 13.22
N ALA C 134 -0.79 18.76 12.10
CA ALA C 134 -0.08 18.39 10.89
C ALA C 134 1.44 18.50 11.04
N ASN C 135 1.87 19.52 11.77
CA ASN C 135 3.29 19.76 11.97
C ASN C 135 4.01 18.61 12.67
N LYS C 136 3.25 17.74 13.32
CA LYS C 136 3.84 16.59 14.02
C LYS C 136 3.68 15.31 13.20
N ALA C 137 2.89 15.38 12.14
CA ALA C 137 2.63 14.22 11.30
C ALA C 137 3.12 14.37 9.86
N SER C 138 3.81 15.47 9.58
CA SER C 138 4.29 15.69 8.21
C SER C 138 5.15 16.94 8.09
N LYS C 139 5.59 17.17 6.85
CA LYS C 139 6.37 18.34 6.51
C LYS C 139 5.32 19.15 5.75
N LEU C 140 4.84 20.24 6.33
CA LEU C 140 3.83 21.06 5.67
C LEU C 140 4.19 22.54 5.70
N VAL C 141 4.37 23.12 4.52
CA VAL C 141 4.71 24.53 4.43
C VAL C 141 3.71 25.18 3.49
N SER C 142 3.41 26.45 3.72
CA SER C 142 2.45 27.17 2.88
C SER C 142 2.85 28.63 2.76
N ALA C 143 2.34 29.29 1.73
CA ALA C 143 2.62 30.70 1.50
C ALA C 143 1.37 31.30 0.89
N ASN C 144 0.67 32.12 1.66
CA ASN C 144 -0.57 32.75 1.22
C ASN C 144 -0.53 34.25 1.36
N ARG C 145 -1.00 34.96 0.34
CA ARG C 145 -1.01 36.41 0.43
C ARG C 145 -1.81 37.04 -0.69
N LEU C 146 -2.32 38.24 -0.42
CA LEU C 146 -3.05 39.01 -1.42
C LEU C 146 -2.06 40.07 -1.87
N PHE C 147 -2.10 40.42 -3.15
CA PHE C 147 -1.21 41.45 -3.71
C PHE C 147 -2.09 42.44 -4.46
N GLY C 148 -1.91 43.73 -4.19
CA GLY C 148 -2.71 44.74 -4.85
C GLY C 148 -1.86 45.83 -5.47
N ASP C 149 -2.39 46.53 -6.47
CA ASP C 149 -1.59 47.58 -7.10
C ASP C 149 -1.29 48.73 -6.14
N LYS C 150 -0.03 49.16 -6.17
CA LYS C 150 0.50 50.25 -5.34
C LYS C 150 -0.29 51.55 -5.40
N SER C 151 -0.82 51.88 -6.57
CA SER C 151 -1.58 53.11 -6.76
C SER C 151 -2.77 53.25 -5.82
N LEU C 152 -3.23 52.13 -5.27
CA LEU C 152 -4.37 52.17 -4.37
C LEU C 152 -3.95 52.33 -2.91
N THR C 153 -4.84 52.91 -2.12
N THR C 153 -4.82 52.93 -2.10
CA THR C 153 -4.59 53.11 -0.70
CA THR C 153 -4.51 53.10 -0.68
C THR C 153 -5.43 52.08 0.04
C THR C 153 -5.40 52.10 0.06
N PHE C 154 -4.77 51.14 0.70
CA PHE C 154 -5.49 50.10 1.42
C PHE C 154 -5.87 50.47 2.85
N ASN C 155 -7.04 50.01 3.26
CA ASN C 155 -7.55 50.27 4.60
C ASN C 155 -6.56 49.65 5.59
N GLU C 156 -5.91 50.47 6.40
CA GLU C 156 -4.92 49.98 7.36
C GLU C 156 -5.50 49.09 8.47
N THR C 157 -6.79 49.24 8.75
CA THR C 157 -7.41 48.39 9.76
C THR C 157 -7.52 47.00 9.18
N TYR C 158 -7.81 46.92 7.88
CA TYR C 158 -7.91 45.64 7.19
C TYR C 158 -6.52 45.00 7.22
N GLN C 159 -5.51 45.81 6.97
CA GLN C 159 -4.13 45.35 6.95
C GLN C 159 -3.69 44.77 8.30
N ASP C 160 -4.09 45.42 9.40
CA ASP C 160 -3.71 44.92 10.71
C ASP C 160 -4.39 43.58 11.01
N ILE C 161 -5.67 43.49 10.67
CA ILE C 161 -6.42 42.26 10.88
C ILE C 161 -5.82 41.13 10.04
N SER C 162 -5.50 41.43 8.78
N SER C 162 -5.50 41.43 8.78
CA SER C 162 -4.92 40.46 7.88
CA SER C 162 -4.92 40.44 7.89
C SER C 162 -3.60 39.90 8.40
C SER C 162 -3.60 39.89 8.42
N GLU C 163 -2.73 40.79 8.88
CA GLU C 163 -1.44 40.36 9.41
C GLU C 163 -1.63 39.34 10.53
N LEU C 164 -2.62 39.59 11.39
CA LEU C 164 -2.92 38.72 12.51
C LEU C 164 -3.57 37.38 12.17
N VAL C 165 -4.69 37.42 11.46
CA VAL C 165 -5.40 36.19 11.12
C VAL C 165 -4.92 35.47 9.86
N TYR C 166 -4.21 36.17 8.97
CA TYR C 166 -3.76 35.53 7.74
C TYR C 166 -2.23 35.42 7.66
N GLY C 167 -1.55 36.04 8.62
CA GLY C 167 -0.11 35.97 8.65
C GLY C 167 0.64 37.06 7.89
N ALA C 168 -0.08 37.84 7.09
CA ALA C 168 0.57 38.89 6.33
C ALA C 168 -0.41 39.93 5.82
N LYS C 169 0.06 41.17 5.71
CA LYS C 169 -0.76 42.24 5.19
C LYS C 169 -0.80 42.07 3.68
N LEU C 170 -1.78 42.68 3.04
CA LEU C 170 -1.88 42.65 1.59
C LEU C 170 -0.64 43.40 1.12
N GLN C 171 0.06 42.85 0.14
CA GLN C 171 1.29 43.46 -0.36
C GLN C 171 1.12 44.34 -1.59
N PRO C 172 1.43 45.64 -1.45
CA PRO C 172 1.28 46.54 -2.60
C PRO C 172 2.40 46.28 -3.60
N LEU C 173 2.03 46.17 -4.88
CA LEU C 173 2.99 45.94 -5.95
C LEU C 173 2.63 46.83 -7.13
N ASP C 174 3.65 47.26 -7.88
CA ASP C 174 3.44 48.12 -9.04
C ASP C 174 3.13 47.30 -10.30
N PHE C 175 1.87 46.87 -10.42
CA PHE C 175 1.45 46.10 -11.59
C PHE C 175 1.37 47.00 -12.83
N LYS C 176 0.88 48.22 -12.64
CA LYS C 176 0.71 49.17 -13.73
C LYS C 176 1.97 49.50 -14.52
N GLU C 177 3.08 49.70 -13.83
CA GLU C 177 4.33 50.05 -14.50
C GLU C 177 5.44 49.00 -14.41
N ASN C 178 5.26 48.00 -13.57
CA ASN C 178 6.29 46.96 -13.43
C ASN C 178 5.68 45.57 -13.26
N ALA C 179 4.76 45.22 -14.15
CA ALA C 179 4.07 43.93 -14.09
C ALA C 179 5.01 42.73 -14.00
N GLU C 180 6.00 42.65 -14.89
CA GLU C 180 6.91 41.51 -14.87
C GLU C 180 7.71 41.43 -13.58
N GLN C 181 8.23 42.56 -13.12
CA GLN C 181 9.00 42.57 -11.87
C GLN C 181 8.08 42.15 -10.72
N SER C 182 6.83 42.61 -10.78
CA SER C 182 5.85 42.28 -9.75
C SER C 182 5.61 40.77 -9.72
N ARG C 183 5.50 40.17 -10.90
N ARG C 183 5.48 40.15 -10.88
CA ARG C 183 5.29 38.74 -11.03
CA ARG C 183 5.26 38.72 -10.94
C ARG C 183 6.45 37.99 -10.40
C ARG C 183 6.46 38.01 -10.32
N ALA C 184 7.66 38.43 -10.72
CA ALA C 184 8.88 37.81 -10.19
C ALA C 184 8.89 37.93 -8.67
N ALA C 185 8.51 39.09 -8.17
CA ALA C 185 8.48 39.34 -6.73
C ALA C 185 7.55 38.37 -6.02
N ILE C 186 6.37 38.16 -6.59
CA ILE C 186 5.40 37.25 -5.99
C ILE C 186 5.95 35.83 -5.96
N ASN C 187 6.46 35.38 -7.09
CA ASN C 187 7.02 34.03 -7.17
C ASN C 187 8.18 33.86 -6.21
N LYS C 188 9.00 34.90 -6.07
CA LYS C 188 10.13 34.85 -5.17
C LYS C 188 9.68 34.76 -3.71
N TRP C 189 8.66 35.54 -3.34
CA TRP C 189 8.16 35.52 -1.98
C TRP C 189 7.66 34.12 -1.61
N VAL C 190 6.89 33.53 -2.53
CA VAL C 190 6.34 32.19 -2.32
C VAL C 190 7.44 31.15 -2.21
N SER C 191 8.39 31.18 -3.15
CA SER C 191 9.49 30.23 -3.15
C SER C 191 10.28 30.34 -1.85
N ASN C 192 10.65 31.56 -1.49
CA ASN C 192 11.42 31.81 -0.29
C ASN C 192 10.69 31.33 0.97
N LYS C 193 9.38 31.57 1.02
CA LYS C 193 8.61 31.16 2.18
C LYS C 193 8.35 29.65 2.25
N THR C 194 8.39 28.97 1.11
CA THR C 194 8.16 27.53 1.08
C THR C 194 9.47 26.76 0.94
N GLU C 195 10.57 27.43 1.26
CA GLU C 195 11.89 26.83 1.19
C GLU C 195 12.20 26.26 -0.18
N GLY C 196 11.77 26.97 -1.22
CA GLY C 196 12.02 26.54 -2.59
C GLY C 196 11.17 25.39 -3.10
N ARG C 197 10.20 24.95 -2.31
CA ARG C 197 9.35 23.84 -2.73
C ARG C 197 8.29 24.25 -3.74
N ILE C 198 7.80 25.48 -3.65
CA ILE C 198 6.80 25.95 -4.59
C ILE C 198 7.35 27.09 -5.42
N THR C 199 7.52 26.86 -6.71
CA THR C 199 8.05 27.85 -7.62
C THR C 199 7.09 28.18 -8.77
N ASP C 200 7.26 29.37 -9.33
CA ASP C 200 6.45 29.85 -10.44
C ASP C 200 4.94 29.71 -10.23
N VAL C 201 4.45 30.12 -9.07
CA VAL C 201 3.02 30.02 -8.81
C VAL C 201 2.25 30.86 -9.84
N ILE C 202 2.81 32.01 -10.22
CA ILE C 202 2.15 32.85 -11.23
C ILE C 202 2.95 32.74 -12.53
N PRO C 203 2.38 32.05 -13.53
CA PRO C 203 3.04 31.87 -14.84
C PRO C 203 3.21 33.16 -15.63
N SER C 204 4.13 33.14 -16.59
CA SER C 204 4.37 34.32 -17.42
C SER C 204 3.09 34.78 -18.09
N GLU C 205 2.91 36.09 -18.16
CA GLU C 205 1.73 36.70 -18.77
C GLU C 205 0.44 36.53 -17.98
N ALA C 206 0.52 35.85 -16.84
CA ALA C 206 -0.66 35.62 -16.01
C ALA C 206 -1.13 36.92 -15.39
N ILE C 207 -0.23 37.89 -15.28
CA ILE C 207 -0.56 39.20 -14.75
C ILE C 207 0.04 40.27 -15.66
N ASN C 208 -0.60 41.42 -15.72
CA ASN C 208 -0.13 42.51 -16.58
C ASN C 208 -0.42 43.89 -15.99
N GLU C 209 -0.32 44.91 -16.83
CA GLU C 209 -0.55 46.29 -16.39
C GLU C 209 -1.97 46.60 -15.94
N LEU C 210 -2.92 45.73 -16.27
CA LEU C 210 -4.31 45.93 -15.88
C LEU C 210 -4.65 45.16 -14.60
N THR C 211 -3.66 44.41 -14.10
CA THR C 211 -3.88 43.64 -12.87
C THR C 211 -4.08 44.58 -11.68
N VAL C 212 -5.11 44.30 -10.89
CA VAL C 212 -5.43 45.13 -9.74
C VAL C 212 -5.23 44.42 -8.40
N LEU C 213 -5.83 43.24 -8.27
CA LEU C 213 -5.72 42.48 -7.05
C LEU C 213 -5.65 40.99 -7.35
N VAL C 214 -4.70 40.29 -6.74
CA VAL C 214 -4.62 38.85 -6.95
C VAL C 214 -4.46 38.13 -5.62
N LEU C 215 -5.04 36.94 -5.54
CA LEU C 215 -4.93 36.10 -4.35
C LEU C 215 -3.99 34.98 -4.70
N VAL C 216 -3.06 34.68 -3.80
CA VAL C 216 -2.10 33.62 -4.02
C VAL C 216 -2.11 32.70 -2.80
N ASN C 217 -2.39 31.42 -3.01
CA ASN C 217 -2.39 30.47 -1.90
C ASN C 217 -1.68 29.21 -2.37
N THR C 218 -0.60 28.86 -1.68
CA THR C 218 0.22 27.72 -2.04
C THR C 218 0.49 26.83 -0.84
N ILE C 219 0.74 25.56 -1.09
CA ILE C 219 0.96 24.62 0.01
C ILE C 219 1.70 23.36 -0.45
N TYR C 220 2.56 22.84 0.43
CA TYR C 220 3.33 21.63 0.15
C TYR C 220 3.09 20.67 1.31
N PHE C 221 2.91 19.39 1.01
CA PHE C 221 2.68 18.39 2.06
C PHE C 221 3.37 17.06 1.79
N LYS C 222 4.11 16.60 2.79
CA LYS C 222 4.81 15.32 2.73
C LYS C 222 4.57 14.67 4.10
N GLY C 223 3.66 13.70 4.12
CA GLY C 223 3.31 13.05 5.37
C GLY C 223 4.24 11.94 5.82
N LEU C 224 4.23 11.71 7.13
CA LEU C 224 5.04 10.66 7.78
C LEU C 224 4.05 9.60 8.24
N TRP C 225 4.13 8.41 7.66
CA TRP C 225 3.24 7.31 8.00
C TRP C 225 3.34 6.89 9.46
N LYS C 226 2.22 6.42 10.00
CA LYS C 226 2.21 5.93 11.37
C LYS C 226 2.88 4.57 11.27
N SER C 227 2.60 3.88 10.17
CA SER C 227 3.17 2.57 9.87
C SER C 227 3.88 2.70 8.52
N LYS C 228 5.18 2.96 8.56
CA LYS C 228 5.96 3.15 7.34
C LYS C 228 6.07 1.92 6.44
N PHE C 229 6.41 2.18 5.18
CA PHE C 229 6.63 1.12 4.20
C PHE C 229 8.13 0.90 4.25
N SER C 230 8.57 -0.34 4.11
CA SER C 230 10.00 -0.62 4.12
C SER C 230 10.51 -0.49 2.69
N PRO C 231 11.55 0.31 2.48
CA PRO C 231 12.14 0.52 1.15
C PRO C 231 12.55 -0.77 0.44
N GLU C 232 12.90 -1.79 1.20
N GLU C 232 12.91 -1.79 1.21
CA GLU C 232 13.32 -3.06 0.63
CA GLU C 232 13.31 -3.07 0.65
C GLU C 232 12.15 -3.74 -0.10
C GLU C 232 12.16 -3.75 -0.07
N ASN C 233 10.94 -3.29 0.21
CA ASN C 233 9.75 -3.85 -0.41
C ASN C 233 9.22 -3.01 -1.58
N THR C 234 9.92 -1.93 -1.89
CA THR C 234 9.51 -1.08 -3.00
C THR C 234 10.24 -1.53 -4.25
N ARG C 235 9.49 -1.74 -5.34
N ARG C 235 9.49 -1.77 -5.33
CA ARG C 235 10.09 -2.15 -6.59
CA ARG C 235 10.09 -2.16 -6.60
C ARG C 235 9.23 -1.68 -7.76
C ARG C 235 9.22 -1.75 -7.77
N LYS C 236 9.81 -1.74 -8.96
CA LYS C 236 9.10 -1.33 -10.16
C LYS C 236 7.97 -2.28 -10.55
N GLU C 237 6.80 -1.70 -10.76
CA GLU C 237 5.62 -2.44 -11.17
C GLU C 237 4.88 -1.56 -12.17
N LEU C 238 4.10 -2.18 -13.05
CA LEU C 238 3.35 -1.42 -14.04
C LEU C 238 2.15 -0.71 -13.44
N PHE C 239 1.92 0.52 -13.88
CA PHE C 239 0.77 1.29 -13.44
C PHE C 239 -0.06 1.47 -14.71
N TYR C 240 -1.31 1.06 -14.66
CA TYR C 240 -2.20 1.14 -15.81
C TYR C 240 -3.02 2.43 -15.85
N LYS C 241 -2.56 3.38 -16.67
CA LYS C 241 -3.23 4.67 -16.81
C LYS C 241 -4.53 4.58 -17.59
N ALA C 242 -5.37 5.60 -17.44
CA ALA C 242 -6.67 5.64 -18.11
C ALA C 242 -6.58 5.82 -19.63
N ASP C 243 -5.44 6.25 -20.12
CA ASP C 243 -5.27 6.46 -21.56
C ASP C 243 -4.97 5.14 -22.26
N GLY C 244 -5.10 4.04 -21.53
CA GLY C 244 -4.84 2.73 -22.10
C GLY C 244 -3.39 2.32 -22.05
N GLU C 245 -2.51 3.27 -21.74
N GLU C 245 -2.51 3.27 -21.74
CA GLU C 245 -1.09 3.00 -21.66
CA GLU C 245 -1.09 3.00 -21.66
C GLU C 245 -0.69 2.60 -20.25
C GLU C 245 -0.68 2.62 -20.24
N SER C 246 0.53 2.09 -20.11
CA SER C 246 1.06 1.68 -18.82
C SER C 246 2.43 2.30 -18.66
N CYS C 247 2.84 2.49 -17.42
CA CYS C 247 4.16 3.06 -17.17
C CYS C 247 4.78 2.42 -15.93
N SER C 248 6.11 2.51 -15.83
CA SER C 248 6.83 1.93 -14.71
C SER C 248 6.85 2.87 -13.51
N ALA C 249 6.20 2.46 -12.44
CA ALA C 249 6.15 3.26 -11.22
C ALA C 249 6.82 2.53 -10.07
N SER C 250 7.32 3.29 -9.09
CA SER C 250 7.96 2.72 -7.91
C SER C 250 6.79 2.39 -6.99
N MET C 251 6.52 1.09 -6.82
N MET C 251 6.54 1.09 -6.81
CA MET C 251 5.39 0.62 -6.00
CA MET C 251 5.44 0.66 -5.98
C MET C 251 5.79 0.15 -4.61
C MET C 251 5.88 0.21 -4.59
N MET C 252 5.33 0.87 -3.58
CA MET C 252 5.64 0.52 -2.18
C MET C 252 4.70 -0.62 -1.79
N TYR C 253 5.10 -1.40 -0.80
CA TYR C 253 4.32 -2.55 -0.36
C TYR C 253 4.48 -2.80 1.13
N GLN C 254 3.40 -3.21 1.78
CA GLN C 254 3.47 -3.53 3.20
C GLN C 254 2.23 -4.29 3.62
N GLU C 255 2.37 -5.08 4.69
CA GLU C 255 1.26 -5.84 5.22
C GLU C 255 1.01 -5.34 6.63
N GLY C 256 -0.22 -4.95 6.91
CA GLY C 256 -0.53 -4.47 8.24
C GLY C 256 -2.02 -4.30 8.47
N LYS C 257 -2.37 -3.89 9.69
CA LYS C 257 -3.77 -3.68 10.06
C LYS C 257 -4.15 -2.24 9.71
N PHE C 258 -5.17 -2.08 8.86
CA PHE C 258 -5.62 -0.76 8.44
C PHE C 258 -7.15 -0.71 8.33
N ARG C 259 -7.71 0.46 8.55
N ARG C 259 -7.73 0.45 8.57
CA ARG C 259 -9.16 0.63 8.43
CA ARG C 259 -9.17 0.60 8.44
C ARG C 259 -9.47 0.51 6.94
C ARG C 259 -9.48 0.51 6.96
N TYR C 260 -10.35 -0.43 6.60
CA TYR C 260 -10.69 -0.65 5.20
C TYR C 260 -12.14 -1.10 4.98
N ARG C 261 -12.59 -0.97 3.75
CA ARG C 261 -13.93 -1.38 3.37
C ARG C 261 -14.13 -1.41 1.85
N ARG C 262 -14.71 -2.49 1.36
CA ARG C 262 -15.00 -2.61 -0.06
C ARG C 262 -16.47 -2.23 -0.15
N VAL C 263 -16.75 -1.13 -0.85
CA VAL C 263 -18.11 -0.64 -0.98
C VAL C 263 -18.82 -1.09 -2.24
N ALA C 264 -19.97 -0.48 -2.50
CA ALA C 264 -20.78 -0.80 -3.66
C ALA C 264 -19.99 -0.79 -4.95
N GLU C 265 -20.29 -1.73 -5.84
CA GLU C 265 -19.63 -1.85 -7.13
C GLU C 265 -18.14 -2.20 -7.03
N GLY C 266 -17.75 -2.77 -5.90
CA GLY C 266 -16.37 -3.19 -5.72
C GLY C 266 -15.31 -2.14 -5.41
N THR C 267 -15.72 -0.88 -5.20
CA THR C 267 -14.76 0.16 -4.90
C THR C 267 -14.12 -0.06 -3.53
N GLN C 268 -12.80 0.05 -3.47
CA GLN C 268 -12.08 -0.14 -2.22
C GLN C 268 -11.72 1.18 -1.57
N VAL C 269 -11.96 1.28 -0.27
CA VAL C 269 -11.66 2.48 0.51
C VAL C 269 -10.66 2.11 1.60
N LEU C 270 -9.52 2.80 1.61
CA LEU C 270 -8.48 2.53 2.59
C LEU C 270 -8.00 3.80 3.28
N GLU C 271 -7.82 3.73 4.59
CA GLU C 271 -7.32 4.87 5.35
C GLU C 271 -5.95 4.53 5.91
N LEU C 272 -4.96 5.36 5.58
CA LEU C 272 -3.60 5.19 6.07
C LEU C 272 -3.28 6.40 6.93
N PRO C 273 -3.15 6.19 8.25
CA PRO C 273 -2.85 7.29 9.18
C PRO C 273 -1.40 7.73 9.16
N PHE C 274 -1.18 9.00 9.51
CA PHE C 274 0.16 9.56 9.61
C PHE C 274 0.45 9.59 11.11
N LYS C 275 1.70 9.86 11.47
CA LYS C 275 2.10 9.95 12.87
C LYS C 275 1.03 10.70 13.66
N GLY C 276 0.79 10.30 14.90
CA GLY C 276 -0.19 10.99 15.73
C GLY C 276 -1.64 10.60 15.53
N ASP C 277 -1.94 9.91 14.44
CA ASP C 277 -3.29 9.46 14.15
C ASP C 277 -4.37 10.50 13.86
N ASP C 278 -4.18 11.76 14.24
N ASP C 278 -4.14 11.77 14.20
CA ASP C 278 -5.22 12.74 13.97
CA ASP C 278 -5.16 12.81 13.94
C ASP C 278 -5.40 12.97 12.46
C ASP C 278 -5.39 12.92 12.45
N ILE C 279 -4.29 13.10 11.73
CA ILE C 279 -4.32 13.30 10.27
C ILE C 279 -4.12 11.99 9.51
N THR C 280 -4.98 11.74 8.53
CA THR C 280 -4.88 10.50 7.75
C THR C 280 -5.08 10.72 6.25
N MET C 281 -4.70 9.72 5.48
CA MET C 281 -4.89 9.77 4.04
C MET C 281 -5.92 8.70 3.73
N VAL C 282 -6.92 9.07 2.94
CA VAL C 282 -7.94 8.13 2.53
C VAL C 282 -7.80 7.92 1.03
N LEU C 283 -7.74 6.67 0.61
CA LEU C 283 -7.61 6.34 -0.79
C LEU C 283 -8.87 5.65 -1.30
N ILE C 284 -9.33 6.04 -2.48
CA ILE C 284 -10.50 5.44 -3.08
C ILE C 284 -10.08 4.81 -4.41
N LEU C 285 -10.12 3.48 -4.46
CA LEU C 285 -9.70 2.73 -5.63
C LEU C 285 -10.85 1.97 -6.26
N PRO C 286 -11.33 2.44 -7.43
CA PRO C 286 -12.43 1.73 -8.08
C PRO C 286 -11.95 0.41 -8.65
N LYS C 287 -12.88 -0.52 -8.85
CA LYS C 287 -12.54 -1.81 -9.41
C LYS C 287 -12.09 -1.57 -10.85
N PRO C 288 -11.42 -2.56 -11.45
CA PRO C 288 -10.99 -2.35 -12.83
C PRO C 288 -12.27 -2.25 -13.66
N GLU C 289 -12.26 -1.43 -14.70
CA GLU C 289 -13.42 -1.25 -15.59
C GLU C 289 -14.34 -0.10 -15.17
N LYS C 290 -14.32 0.28 -13.89
CA LYS C 290 -15.16 1.39 -13.46
C LYS C 290 -14.31 2.66 -13.42
N SER C 291 -14.44 3.48 -14.45
CA SER C 291 -13.68 4.71 -14.55
C SER C 291 -13.71 5.52 -13.27
N LEU C 292 -12.58 6.14 -12.95
CA LEU C 292 -12.47 6.97 -11.77
C LEU C 292 -13.34 8.19 -12.02
N ALA C 293 -13.44 8.58 -13.29
CA ALA C 293 -14.24 9.72 -13.70
C ALA C 293 -15.69 9.55 -13.25
N LYS C 294 -16.18 8.32 -13.32
CA LYS C 294 -17.55 8.03 -12.91
C LYS C 294 -17.70 8.18 -11.40
N VAL C 295 -16.70 7.72 -10.66
CA VAL C 295 -16.72 7.81 -9.21
C VAL C 295 -16.65 9.25 -8.71
N GLU C 296 -16.02 10.12 -9.50
CA GLU C 296 -15.87 11.52 -9.12
C GLU C 296 -17.20 12.27 -9.16
N LYS C 297 -17.94 12.09 -10.25
CA LYS C 297 -19.23 12.76 -10.42
C LYS C 297 -20.27 12.09 -9.53
N GLU C 298 -20.17 10.76 -9.46
CA GLU C 298 -21.10 9.94 -8.68
C GLU C 298 -20.66 9.80 -7.22
N LEU C 299 -20.58 10.91 -6.49
CA LEU C 299 -20.17 10.85 -5.09
C LEU C 299 -20.39 12.16 -4.33
N THR C 300 -21.35 12.15 -3.41
CA THR C 300 -21.67 13.33 -2.61
C THR C 300 -21.12 13.16 -1.19
N PRO C 301 -20.87 14.28 -0.49
CA PRO C 301 -20.33 14.26 0.87
C PRO C 301 -20.97 13.20 1.75
N GLU C 302 -22.29 13.05 1.62
CA GLU C 302 -23.03 12.07 2.40
C GLU C 302 -22.46 10.67 2.18
N VAL C 303 -22.39 10.26 0.91
CA VAL C 303 -21.87 8.94 0.57
C VAL C 303 -20.49 8.68 1.14
N LEU C 304 -19.56 9.59 0.88
CA LEU C 304 -18.20 9.45 1.38
C LEU C 304 -18.15 9.25 2.89
N GLN C 305 -18.90 10.09 3.61
CA GLN C 305 -18.94 9.99 5.06
C GLN C 305 -19.49 8.63 5.48
N GLU C 306 -20.46 8.13 4.72
CA GLU C 306 -21.07 6.84 5.02
C GLU C 306 -20.02 5.74 4.93
N TRP C 307 -19.17 5.82 3.91
CA TRP C 307 -18.12 4.83 3.73
C TRP C 307 -17.13 4.88 4.88
N LEU C 308 -16.69 6.10 5.22
CA LEU C 308 -15.74 6.28 6.32
C LEU C 308 -16.28 5.72 7.63
N ASP C 309 -17.60 5.72 7.77
CA ASP C 309 -18.25 5.21 8.96
C ASP C 309 -18.32 3.68 8.96
N GLU C 310 -18.18 3.09 7.78
CA GLU C 310 -18.23 1.64 7.64
C GLU C 310 -16.85 0.98 7.64
N LEU C 311 -15.80 1.80 7.70
CA LEU C 311 -14.44 1.28 7.72
C LEU C 311 -14.19 0.44 8.97
N GLU C 312 -13.54 -0.71 8.76
CA GLU C 312 -13.22 -1.60 9.87
C GLU C 312 -11.77 -2.04 9.74
N GLU C 313 -11.06 -2.05 10.87
CA GLU C 313 -9.66 -2.43 10.89
C GLU C 313 -9.47 -3.89 10.52
N MET C 314 -8.50 -4.17 9.65
CA MET C 314 -8.24 -5.55 9.24
C MET C 314 -6.91 -5.69 8.52
N MET C 315 -6.32 -6.88 8.66
CA MET C 315 -5.05 -7.20 8.01
C MET C 315 -5.21 -7.25 6.51
N LEU C 316 -4.32 -6.58 5.79
CA LEU C 316 -4.36 -6.59 4.34
C LEU C 316 -3.01 -6.22 3.76
N VAL C 317 -2.86 -6.47 2.46
CA VAL C 317 -1.63 -6.15 1.77
C VAL C 317 -1.89 -4.91 0.94
N VAL C 318 -1.08 -3.88 1.15
CA VAL C 318 -1.25 -2.63 0.42
C VAL C 318 -0.13 -2.34 -0.56
N HIS C 319 -0.50 -2.13 -1.82
CA HIS C 319 0.44 -1.77 -2.87
C HIS C 319 0.08 -0.32 -3.17
N MET C 320 1.03 0.57 -3.02
CA MET C 320 0.79 1.98 -3.28
C MET C 320 2.04 2.60 -3.88
N PRO C 321 1.88 3.37 -4.95
CA PRO C 321 3.08 3.97 -5.53
C PRO C 321 3.58 5.18 -4.77
N ARG C 322 4.88 5.42 -4.89
N ARG C 322 4.88 5.43 -4.87
CA ARG C 322 5.48 6.58 -4.27
CA ARG C 322 5.44 6.60 -4.23
C ARG C 322 5.50 7.58 -5.42
C ARG C 322 5.51 7.59 -5.39
N PHE C 323 5.07 8.82 -5.16
CA PHE C 323 5.04 9.81 -6.22
C PHE C 323 5.01 11.23 -5.69
N ARG C 324 4.91 12.16 -6.64
CA ARG C 324 4.83 13.58 -6.34
C ARG C 324 3.85 14.20 -7.32
N ILE C 325 3.01 15.11 -6.83
CA ILE C 325 2.07 15.80 -7.69
C ILE C 325 2.22 17.28 -7.46
N GLU C 326 2.39 18.03 -8.54
CA GLU C 326 2.53 19.48 -8.47
C GLU C 326 1.39 20.00 -9.32
N ASP C 327 0.42 20.66 -8.67
CA ASP C 327 -0.74 21.17 -9.39
C ASP C 327 -0.95 22.66 -9.11
N GLY C 328 -0.82 23.47 -10.16
CA GLY C 328 -1.00 24.91 -10.04
C GLY C 328 -2.06 25.35 -11.02
N PHE C 329 -2.98 26.20 -10.58
CA PHE C 329 -4.05 26.64 -11.46
C PHE C 329 -4.76 27.91 -11.03
N SER C 330 -5.41 28.57 -11.97
N SER C 330 -5.41 28.56 -11.98
CA SER C 330 -6.16 29.79 -11.68
CA SER C 330 -6.18 29.77 -11.73
C SER C 330 -7.56 29.34 -11.26
C SER C 330 -7.56 29.32 -11.28
N LEU C 331 -8.18 30.08 -10.36
N LEU C 331 -8.20 30.08 -10.39
CA LEU C 331 -9.50 29.72 -9.84
CA LEU C 331 -9.52 29.69 -9.90
C LEU C 331 -10.66 30.52 -10.43
C LEU C 331 -10.73 30.47 -10.39
N LYS C 332 -10.33 31.64 -11.06
N LYS C 332 -10.52 31.63 -11.00
CA LYS C 332 -11.30 32.55 -11.65
CA LYS C 332 -11.64 32.46 -11.46
C LYS C 332 -12.48 31.96 -12.42
C LYS C 332 -12.72 31.78 -12.30
N GLU C 333 -12.20 31.23 -13.49
N GLU C 333 -12.34 31.27 -13.47
CA GLU C 333 -13.26 30.67 -14.31
CA GLU C 333 -13.32 30.65 -14.36
C GLU C 333 -14.18 29.70 -13.56
C GLU C 333 -14.20 29.63 -13.63
N GLN C 334 -13.58 28.78 -12.81
CA GLN C 334 -14.33 27.78 -12.06
C GLN C 334 -15.26 28.42 -11.03
N LEU C 335 -14.74 29.41 -10.28
CA LEU C 335 -15.57 30.07 -9.28
C LEU C 335 -16.69 30.88 -9.92
N GLN C 336 -16.42 31.51 -11.06
CA GLN C 336 -17.46 32.27 -11.74
C GLN C 336 -18.59 31.31 -12.14
N ASP C 337 -18.23 30.13 -12.62
CA ASP C 337 -19.23 29.15 -13.02
C ASP C 337 -20.06 28.68 -11.84
N MET C 338 -19.48 28.77 -10.64
CA MET C 338 -20.16 28.36 -9.43
C MET C 338 -21.01 29.48 -8.86
N GLY C 339 -20.96 30.65 -9.49
CA GLY C 339 -21.77 31.76 -9.01
C GLY C 339 -21.05 32.99 -8.47
N LEU C 340 -19.73 32.90 -8.32
N LEU C 340 -19.73 32.89 -8.33
CA LEU C 340 -18.94 34.02 -7.81
CA LEU C 340 -18.93 34.01 -7.82
C LEU C 340 -18.62 34.93 -8.99
C LEU C 340 -18.63 34.93 -9.00
N VAL C 341 -19.51 35.91 -9.22
CA VAL C 341 -19.37 36.84 -10.34
C VAL C 341 -18.88 38.25 -10.05
N ASP C 342 -19.61 38.98 -9.21
CA ASP C 342 -19.27 40.37 -8.90
C ASP C 342 -17.83 40.61 -8.47
N LEU C 343 -17.30 39.71 -7.64
CA LEU C 343 -15.93 39.84 -7.15
C LEU C 343 -14.89 40.03 -8.26
N PHE C 344 -15.13 39.43 -9.42
CA PHE C 344 -14.20 39.50 -10.55
C PHE C 344 -14.57 40.57 -11.58
N SER C 345 -15.64 41.31 -11.31
CA SER C 345 -16.12 42.34 -12.22
C SER C 345 -15.66 43.73 -11.80
N PRO C 346 -14.91 44.43 -12.67
CA PRO C 346 -14.41 45.77 -12.35
C PRO C 346 -15.51 46.73 -11.90
N GLU C 347 -16.65 46.72 -12.59
CA GLU C 347 -17.73 47.62 -12.23
C GLU C 347 -18.59 47.15 -11.04
N LYS C 348 -18.85 45.84 -10.99
CA LYS C 348 -19.69 45.27 -9.95
C LYS C 348 -19.05 45.02 -8.58
N SER C 349 -17.77 44.67 -8.57
CA SER C 349 -17.07 44.37 -7.32
C SER C 349 -17.20 45.42 -6.23
N LYS C 350 -17.55 44.97 -5.03
CA LYS C 350 -17.69 45.85 -3.88
C LYS C 350 -16.82 45.31 -2.75
N LEU C 351 -15.62 45.86 -2.62
CA LEU C 351 -14.66 45.47 -1.60
C LEU C 351 -14.21 46.73 -0.85
N PRO C 352 -15.17 47.55 -0.38
CA PRO C 352 -14.85 48.80 0.33
C PRO C 352 -13.99 48.62 1.58
N GLY C 353 -14.03 47.43 2.16
CA GLY C 353 -13.24 47.17 3.35
C GLY C 353 -11.76 47.09 3.09
N ILE C 354 -11.37 46.85 1.84
CA ILE C 354 -9.96 46.75 1.48
C ILE C 354 -9.48 48.09 0.93
N VAL C 355 -10.29 48.68 0.04
CA VAL C 355 -10.01 49.99 -0.54
C VAL C 355 -11.35 50.72 -0.57
N ALA C 356 -11.40 51.88 0.06
CA ALA C 356 -12.63 52.67 0.14
C ALA C 356 -13.28 52.87 -1.24
N GLU C 357 -14.60 52.77 -1.27
CA GLU C 357 -15.37 52.97 -2.48
C GLU C 357 -14.99 54.30 -3.12
N GLY C 358 -14.62 54.26 -4.40
CA GLY C 358 -14.24 55.48 -5.09
C GLY C 358 -14.21 55.36 -6.60
N ARG C 359 -13.45 56.24 -7.24
CA ARG C 359 -13.32 56.26 -8.70
C ARG C 359 -12.58 55.04 -9.23
N ASP C 360 -11.58 54.57 -8.49
CA ASP C 360 -10.81 53.41 -8.92
C ASP C 360 -11.59 52.12 -8.59
N ASP C 361 -11.58 51.18 -9.51
CA ASP C 361 -12.27 49.91 -9.30
C ASP C 361 -11.36 48.94 -8.56
N LEU C 362 -11.90 48.23 -7.57
CA LEU C 362 -11.12 47.23 -6.86
C LEU C 362 -11.88 45.92 -7.04
N TYR C 363 -11.25 45.00 -7.77
CA TYR C 363 -11.85 43.72 -8.03
C TYR C 363 -10.71 42.71 -8.11
N VAL C 364 -11.06 41.43 -8.03
CA VAL C 364 -10.05 40.38 -8.10
C VAL C 364 -9.76 40.05 -9.56
N SER C 365 -8.52 40.25 -9.98
CA SER C 365 -8.10 39.95 -11.35
C SER C 365 -8.08 38.44 -11.52
N ASP C 366 -7.55 37.75 -10.51
CA ASP C 366 -7.52 36.30 -10.51
C ASP C 366 -6.99 35.77 -9.19
N ALA C 367 -7.15 34.47 -8.99
CA ALA C 367 -6.69 33.81 -7.78
C ALA C 367 -5.90 32.61 -8.25
N PHE C 368 -4.73 32.42 -7.66
CA PHE C 368 -3.85 31.33 -8.04
C PHE C 368 -3.57 30.39 -6.87
N HIS C 369 -3.74 29.09 -7.12
CA HIS C 369 -3.49 28.08 -6.11
C HIS C 369 -2.41 27.17 -6.67
N LYS C 370 -1.54 26.68 -5.81
CA LYS C 370 -0.53 25.73 -6.24
C LYS C 370 -0.26 24.83 -5.04
N ALA C 371 -0.53 23.54 -5.22
CA ALA C 371 -0.36 22.57 -4.16
C ALA C 371 0.59 21.48 -4.62
N PHE C 372 1.42 21.00 -3.70
CA PHE C 372 2.40 19.97 -4.01
C PHE C 372 2.30 18.84 -2.99
N LEU C 373 2.11 17.63 -3.49
CA LEU C 373 2.01 16.44 -2.64
C LEU C 373 3.20 15.52 -2.90
N GLU C 374 3.81 15.03 -1.83
CA GLU C 374 4.92 14.11 -1.98
C GLU C 374 4.63 12.89 -1.12
N VAL C 375 4.65 11.71 -1.73
CA VAL C 375 4.38 10.46 -1.03
C VAL C 375 5.52 9.45 -1.19
N ASN C 376 6.08 9.01 -0.08
CA ASN C 376 7.14 7.99 -0.11
C ASN C 376 7.00 7.03 1.06
N GLU C 377 8.05 6.27 1.35
CA GLU C 377 8.00 5.26 2.42
C GLU C 377 8.17 5.76 3.85
N GLU C 378 8.77 6.94 4.02
CA GLU C 378 9.07 7.48 5.34
C GLU C 378 7.94 7.55 6.37
N GLY C 379 8.31 7.27 7.62
CA GLY C 379 7.35 7.29 8.72
C GLY C 379 7.89 6.54 9.92
N SER C 380 7.02 6.23 10.87
CA SER C 380 7.43 5.51 12.06
C SER C 380 7.47 4.01 11.75
N GLU C 381 8.41 3.31 12.37
CA GLU C 381 8.54 1.87 12.15
C GLU C 381 7.27 1.19 12.66
N ALA C 382 6.82 0.19 11.94
CA ALA C 382 5.61 -0.55 12.32
C ALA C 382 5.80 -1.07 13.75
N ALA C 383 4.76 -0.96 14.56
CA ALA C 383 4.83 -1.42 15.94
C ALA C 383 4.95 -2.94 16.01
N ALA C 384 5.86 -3.42 16.84
CA ALA C 384 6.08 -4.86 16.99
C ALA C 384 4.89 -5.50 17.69
N SER C 385 4.38 -6.60 17.11
CA SER C 385 3.24 -7.29 17.69
C SER C 385 3.74 -8.31 18.72
N THR C 386 3.16 -8.27 19.92
CA THR C 386 3.56 -9.19 20.98
C THR C 386 2.53 -10.27 21.23
N ALA C 387 1.86 -10.71 20.16
CA ALA C 387 0.86 -11.76 20.26
C ALA C 387 1.44 -13.12 19.88
N VAL C 388 1.54 -14.01 20.85
CA VAL C 388 2.07 -15.36 20.60
C VAL C 388 1.05 -16.13 19.77
N VAL C 389 1.33 -16.28 18.48
CA VAL C 389 0.41 -16.98 17.59
C VAL C 389 1.15 -17.76 16.50
N ILE C 390 0.61 -18.92 16.15
CA ILE C 390 1.20 -19.74 15.09
C ILE C 390 0.85 -19.12 13.75
N ALA C 391 1.81 -19.09 12.84
CA ALA C 391 1.58 -18.53 11.52
C ALA C 391 1.85 -19.58 10.45
N GLY C 392 0.79 -20.07 9.82
CA GLY C 392 0.94 -21.04 8.76
C GLY C 392 1.75 -20.37 7.67
N ARG C 393 2.49 -21.15 6.88
CA ARG C 393 3.30 -20.53 5.86
C ARG C 393 2.70 -20.40 4.47
N SER C 394 1.38 -20.50 4.39
N SER C 394 1.39 -20.53 4.40
CA SER C 394 0.69 -20.33 3.12
CA SER C 394 0.68 -20.33 3.13
C SER C 394 0.57 -18.80 3.05
C SER C 394 0.56 -18.81 3.05
N LEU C 395 0.43 -18.25 1.86
CA LEU C 395 0.30 -16.80 1.71
C LEU C 395 -1.10 -16.36 2.09
N ASN C 396 -2.04 -17.30 2.02
CA ASN C 396 -3.45 -17.08 2.30
C ASN C 396 -4.13 -16.48 1.08
N PRO C 397 -4.57 -17.34 0.16
CA PRO C 397 -5.26 -16.91 -1.07
C PRO C 397 -6.57 -16.16 -0.82
N ASN C 398 -7.02 -16.14 0.42
CA ASN C 398 -8.26 -15.45 0.77
C ASN C 398 -8.02 -14.08 1.42
N ARG C 399 -6.77 -13.64 1.45
CA ARG C 399 -6.42 -12.36 2.06
C ARG C 399 -6.96 -11.16 1.29
N VAL C 400 -7.07 -10.03 1.96
CA VAL C 400 -7.56 -8.81 1.33
C VAL C 400 -6.37 -8.05 0.75
N THR C 401 -6.47 -7.66 -0.52
CA THR C 401 -5.39 -6.93 -1.18
C THR C 401 -5.86 -5.61 -1.79
N PHE C 402 -5.13 -4.54 -1.50
CA PHE C 402 -5.43 -3.20 -2.02
C PHE C 402 -4.23 -2.84 -2.89
N LYS C 403 -4.36 -3.07 -4.19
N LYS C 403 -4.36 -3.07 -4.19
CA LYS C 403 -3.28 -2.79 -5.13
CA LYS C 403 -3.29 -2.79 -5.13
C LYS C 403 -3.59 -1.56 -5.98
C LYS C 403 -3.60 -1.56 -5.99
N ALA C 404 -3.01 -0.43 -5.60
CA ALA C 404 -3.23 0.82 -6.32
C ALA C 404 -2.30 0.95 -7.52
N ASN C 405 -2.53 0.12 -8.54
CA ASN C 405 -1.73 0.16 -9.76
C ASN C 405 -2.55 0.74 -10.90
N ARG C 406 -3.58 1.49 -10.53
CA ARG C 406 -4.48 2.16 -11.46
C ARG C 406 -4.96 3.43 -10.76
N PRO C 407 -5.47 4.40 -11.52
CA PRO C 407 -5.96 5.67 -10.97
C PRO C 407 -6.81 5.58 -9.70
N PHE C 408 -6.50 6.42 -8.72
CA PHE C 408 -7.26 6.46 -7.48
C PHE C 408 -7.38 7.88 -6.93
N LEU C 409 -8.37 8.11 -6.07
CA LEU C 409 -8.59 9.41 -5.46
C LEU C 409 -7.92 9.45 -4.10
N VAL C 410 -7.48 10.63 -3.68
CA VAL C 410 -6.84 10.77 -2.39
C VAL C 410 -7.46 11.92 -1.59
N PHE C 411 -7.54 11.71 -0.29
CA PHE C 411 -8.08 12.71 0.62
C PHE C 411 -7.20 12.73 1.85
N ILE C 412 -6.88 13.92 2.33
N ILE C 412 -6.88 13.92 2.33
CA ILE C 412 -6.08 14.05 3.55
CA ILE C 412 -6.08 14.07 3.53
C ILE C 412 -6.97 14.82 4.50
C ILE C 412 -6.99 14.81 4.50
N ARG C 413 -7.35 14.17 5.60
CA ARG C 413 -8.24 14.79 6.55
C ARG C 413 -7.80 14.73 8.00
N GLU C 414 -8.50 15.48 8.83
CA GLU C 414 -8.25 15.49 10.26
C GLU C 414 -9.47 14.68 10.72
N VAL C 415 -9.21 13.53 11.34
CA VAL C 415 -10.28 12.63 11.76
C VAL C 415 -11.38 13.16 12.66
N PRO C 416 -11.02 13.67 13.86
CA PRO C 416 -12.05 14.20 14.76
C PRO C 416 -13.01 15.16 14.07
N LEU C 417 -12.45 16.21 13.48
CA LEU C 417 -13.23 17.22 12.80
C LEU C 417 -13.78 16.78 11.45
N ASN C 418 -13.08 15.85 10.80
CA ASN C 418 -13.47 15.34 9.49
C ASN C 418 -13.18 16.38 8.41
N THR C 419 -12.23 17.27 8.69
CA THR C 419 -11.85 18.34 7.76
C THR C 419 -11.13 17.81 6.53
N ILE C 420 -11.55 18.27 5.35
CA ILE C 420 -10.88 17.86 4.12
C ILE C 420 -9.80 18.91 3.89
N ILE C 421 -8.58 18.60 4.30
CA ILE C 421 -7.47 19.52 4.15
C ILE C 421 -6.96 19.54 2.71
N PHE C 422 -6.82 18.34 2.14
CA PHE C 422 -6.36 18.17 0.77
C PHE C 422 -7.21 17.12 0.07
N MET C 423 -7.28 17.22 -1.25
CA MET C 423 -8.00 16.23 -2.03
C MET C 423 -7.29 16.17 -3.36
N GLY C 424 -7.36 15.04 -4.04
CA GLY C 424 -6.67 14.94 -5.30
C GLY C 424 -6.94 13.67 -6.07
N ARG C 425 -6.22 13.53 -7.18
CA ARG C 425 -6.35 12.36 -8.05
CA ARG C 425 -6.36 12.36 -8.04
C ARG C 425 -4.99 11.93 -8.55
C ARG C 425 -5.00 11.92 -8.57
N VAL C 426 -4.69 10.65 -8.41
CA VAL C 426 -3.43 10.11 -8.89
C VAL C 426 -3.78 9.35 -10.15
N ALA C 427 -3.62 10.02 -11.29
CA ALA C 427 -3.91 9.41 -12.59
C ALA C 427 -2.64 8.87 -13.22
N ASN C 428 -1.51 9.45 -12.85
CA ASN C 428 -0.22 9.03 -13.38
C ASN C 428 0.90 9.38 -12.41
N PRO C 429 1.37 8.39 -11.63
CA PRO C 429 2.44 8.60 -10.65
C PRO C 429 3.84 8.42 -11.22
N CYS C 430 3.91 8.08 -12.49
CA CYS C 430 5.19 7.87 -13.14
C CYS C 430 5.95 9.14 -13.50
N VAL C 431 7.25 9.00 -13.73
CA VAL C 431 8.10 10.14 -14.08
C VAL C 431 8.59 10.02 -15.52
C1 NAG D . -25.25 48.14 -0.77
C2 NAG D . -26.24 48.79 -1.73
C3 NAG D . -26.71 50.15 -1.22
C4 NAG D . -27.27 50.00 0.19
C5 NAG D . -26.20 49.37 1.09
C6 NAG D . -26.73 49.13 2.50
C7 NAG D . -25.97 48.19 -4.06
C8 NAG D . -27.42 48.28 -4.54
N2 NAG D . -25.61 48.96 -3.04
O3 NAG D . -27.73 50.65 -2.08
O4 NAG D . -27.65 51.27 0.69
O5 NAG D . -25.80 48.09 0.56
O6 NAG D . -27.68 48.05 2.49
O7 NAG D . -25.19 47.44 -4.64
C1 FUC D . -28.13 47.73 3.77
C2 FUC D . -29.29 46.74 3.69
C3 FUC D . -28.79 45.35 3.24
C4 FUC D . -27.66 44.89 4.15
C5 FUC D . -26.55 45.95 4.19
C6 FUC D . -25.44 45.60 5.16
O2 FUC D . -30.26 47.21 2.76
O3 FUC D . -29.86 44.42 3.30
O4 FUC D . -28.15 44.65 5.46
O5 FUC D . -27.10 47.22 4.61
C1 NAG E . -11.48 50.16 7.45
C2 NAG E . -12.69 51.08 7.41
C3 NAG E . -13.41 51.06 8.76
C4 NAG E . -13.71 49.62 9.22
C5 NAG E . -12.43 48.76 9.13
C6 NAG E . -12.69 47.29 9.42
C7 NAG E . -13.02 53.17 6.26
C8 NAG E . -13.96 54.18 6.91
N2 NAG E . -12.28 52.43 7.08
O3 NAG E . -14.63 51.79 8.66
O4 NAG E . -14.19 49.64 10.58
O5 NAG E . -11.88 48.83 7.80
O6 NAG E . -13.95 46.88 8.92
O7 NAG E . -12.98 53.07 5.04
C1 NAG E . -15.37 48.90 10.85
C2 NAG E . -15.59 48.76 12.36
C3 NAG E . -16.98 48.21 12.66
C4 NAG E . -17.99 49.16 12.05
C5 NAG E . -17.77 49.20 10.53
C6 NAG E . -18.73 50.14 9.81
C7 NAG E . -13.39 48.35 13.23
C8 NAG E . -13.22 49.04 14.58
N2 NAG E . -14.59 47.88 12.94
O3 NAG E . -17.19 48.10 14.06
O4 NAG E . -19.33 48.78 12.42
O5 NAG E . -16.43 49.69 10.24
O6 NAG E . -18.07 50.86 8.78
O7 NAG E . -12.43 48.24 12.48
C1 MAN E . -20.12 49.85 12.82
C2 MAN E . -20.78 49.61 14.25
C3 MAN E . -22.13 48.85 14.22
C4 MAN E . -22.98 49.31 13.05
C5 MAN E . -22.15 49.05 11.81
C6 MAN E . -22.96 49.22 10.56
O2 MAN E . -20.98 50.85 14.90
O3 MAN E . -22.85 49.10 15.43
O4 MAN E . -24.22 48.63 12.99
O5 MAN E . -21.11 50.05 11.77
O6 MAN E . -22.68 50.47 9.98
C1 NAG F . 12.77 35.02 2.96
C2 NAG F . 12.54 36.54 3.04
C3 NAG F . 13.24 37.13 4.27
C4 NAG F . 12.80 36.37 5.53
C5 NAG F . 13.04 34.87 5.35
C6 NAG F . 12.56 34.06 6.53
C7 NAG F . 12.74 38.43 1.56
C8 NAG F . 13.85 39.47 1.73
N2 NAG F . 13.05 37.17 1.83
O3 NAG F . 12.92 38.50 4.40
O4 NAG F . 13.52 36.85 6.66
O5 NAG F . 12.35 34.39 4.18
O6 NAG F . 11.23 33.56 6.29
O7 NAG F . 11.62 38.80 1.20
C1 FUC F . 10.76 32.70 7.30
C2 FUC F . 9.29 32.37 7.07
C3 FUC F . 9.12 31.39 5.89
C4 FUC F . 10.04 30.17 6.04
C5 FUC F . 11.47 30.63 6.28
C6 FUC F . 12.40 29.45 6.57
O2 FUC F . 8.56 33.56 6.79
O3 FUC F . 7.77 30.96 5.83
O4 FUC F . 9.59 29.39 7.14
O5 FUC F . 11.54 31.51 7.42
O4 Z9L G . -22.53 35.74 22.37
C4 Z9L G . -22.84 35.72 20.96
C5 Z9L G . -23.43 37.05 20.53
O5 Z9L G . -23.80 37.02 19.14
C6 Z9L G . -22.45 38.19 20.74
O6 Z9L G . -21.31 38.07 19.87
S1 Z9L G . -20.33 39.11 19.79
O7 Z9L G . -19.65 39.26 21.13
O11 Z9L G . -20.99 40.40 19.42
O15 Z9L G . -19.32 38.75 18.75
C3 Z9L G . -23.82 34.58 20.65
O3 Z9L G . -23.21 33.31 20.94
S2 Z9L G . -23.89 32.59 21.98
O8 Z9L G . -23.63 33.24 23.31
O9 Z9L G . -23.36 31.19 22.01
O10 Z9L G . -25.37 32.56 21.72
C2 Z9L G . -24.19 34.63 19.17
O2 Z9L G . -25.16 33.63 18.86
S3 Z9L G . -24.90 33.02 17.59
O12 Z9L G . -23.67 32.14 17.71
O13 Z9L G . -24.66 34.06 16.55
O14 Z9L G . -26.07 32.17 17.20
C1 Z9L G . -24.78 36.00 18.84
O1 Z9L G . -25.96 36.23 19.64
C7 Z9L G . -26.55 37.48 19.28
O4 Z9K G . -18.09 33.82 23.61
C4 Z9K G . -19.38 34.12 24.18
C5 Z9K G . -20.41 33.73 23.13
O5 Z9K G . -20.41 34.75 22.12
C6 Z9K G . -19.97 32.42 22.49
O10 Z9K G . -20.03 31.37 23.17
O6 Z9K G . -19.55 32.45 21.31
C3 Z9K G . -19.48 35.61 24.47
O3 Z9K G . -19.28 35.78 25.88
C7 Z9K G . -18.84 37.11 26.17
C2 Z9K G . -20.86 36.16 24.08
O2 Z9K G . -20.88 37.57 24.30
S1 Z9K G . -21.98 38.03 25.08
O7 Z9K G . -23.28 37.74 24.39
O8 Z9K G . -21.84 39.52 25.28
O9 Z9K G . -21.97 37.36 26.42
C1 Z9K G . -21.12 35.91 22.60
C1 GU6 G . -16.99 33.89 24.54
C2 GU6 G . -15.69 33.69 23.76
O2 GU6 G . -15.56 34.74 22.80
S2 GU6 G . -15.12 35.97 23.42
C3 GU6 G . -15.74 32.34 23.04
O3 GU6 G . -14.50 32.12 22.36
S3 GU6 G . -14.63 32.03 20.94
C4 GU6 G . -15.97 31.21 24.06
O4 GU6 G . -16.26 29.98 23.38
C5 GU6 G . -17.12 31.55 24.98
O5 GU6 G . -17.08 32.87 25.54
C6 GU6 G . -17.16 30.53 26.14
O6 GU6 G . -15.95 30.63 26.92
S6 GU6 G . -15.74 29.75 28.03
O13 GU6 G . -14.43 36.82 22.41
O14 GU6 G . -14.16 35.66 24.54
O15 GU6 G . -16.31 36.70 23.96
O16 GU6 G . -15.28 33.27 20.40
O17 GU6 G . -15.47 30.84 20.58
O18 GU6 G . -13.27 31.88 20.35
O19 GU6 G . -16.95 29.75 28.90
O20 GU6 G . -15.49 28.36 27.51
O21 GU6 G . -14.54 30.21 28.80
C1 GU1 G . -15.51 28.86 23.88
C2 GU1 G . -16.26 27.58 23.55
O2 GU1 G . -17.53 27.55 24.23
C7 GU1 G . -18.49 28.37 23.55
C3 GU1 G . -15.45 26.38 24.02
O3 GU1 G . -16.11 25.17 23.61
C8 GU1 G . -17.20 24.88 24.49
O5 GU1 G . -14.24 28.83 23.22
C5 GU1 G . -13.41 27.74 23.68
C6 GU1 G . -12.07 27.80 22.95
O6B GU1 G . -11.03 27.81 23.63
O6A GU1 G . -12.09 27.84 21.69
C4 GU1 G . -14.07 26.41 23.37
O4 GU1 G . -13.24 25.37 23.91
O4 Z9H G . -9.45 23.48 23.64
C7 Z9H G . -8.54 22.71 22.85
C4 Z9H G . -10.81 23.13 23.33
C5 Z9H G . -11.34 24.12 22.29
O5 Z9H G . -12.76 23.94 22.09
C6 Z9H G . -10.61 23.82 20.98
O6 Z9H G . -11.01 24.69 19.92
S1 Z9H G . -10.62 24.41 18.58
O7 Z9H G . -11.52 23.34 18.02
O8 Z9H G . -9.21 23.94 18.54
O12 Z9H G . -10.76 25.66 17.75
C3 Z9H G . -11.61 23.22 24.62
O3 Z9H G . -11.14 22.20 25.52
C8 Z9H G . -11.56 22.49 26.85
C2 Z9H G . -13.08 22.99 24.27
O2 Z9H G . -13.88 23.03 25.46
S2 Z9H G . -14.60 21.81 25.62
O9 Z9H G . -13.65 20.69 25.90
O10 Z9H G . -15.38 21.52 24.38
O11 Z9H G . -15.56 21.95 26.78
C1 Z9H G . -13.52 24.09 23.30
CA CA H . 8.06 -18.05 -15.58
C1 MPD I . -2.26 22.96 8.03
C2 MPD I . -3.24 23.89 7.29
O2 MPD I . -3.04 23.75 5.88
CM MPD I . -4.66 23.48 7.65
C3 MPD I . -3.04 25.37 7.70
C4 MPD I . -1.63 25.90 7.37
O4 MPD I . -1.42 25.84 5.96
C5 MPD I . -1.52 27.35 7.83
C1 MPD J . -3.56 31.29 11.41
C2 MPD J . -2.31 31.32 10.52
O2 MPD J . -2.40 30.30 9.53
CM MPD J . -2.22 32.69 9.83
C3 MPD J . -1.04 31.13 11.38
C4 MPD J . -1.01 29.78 12.13
O4 MPD J . -1.09 28.68 11.21
C5 MPD J . 0.27 29.67 12.94
#